data_2D0H
#
_entry.id   2D0H
#
_cell.length_a   47.450
_cell.length_b   92.290
_cell.length_c   55.890
_cell.angle_alpha   90.00
_cell.angle_beta   91.35
_cell.angle_gamma   90.00
#
_symmetry.space_group_name_H-M   'P 1 21 1'
#
loop_
_entity.id
_entity.type
_entity.pdbx_description
1 polymer 'alpha-amylase I'
2 branched alpha-D-glucopyranose-(1-6)-alpha-D-glucopyranose-(1-4)-alpha-D-glucopyranose-(1-4)-alpha-D-glucopyranose-(1-6)-alpha-D-glucopyranose-(1-4)-alpha-D-glucopyranose
3 non-polymer 'CALCIUM ION'
4 non-polymer (4S)-2-METHYL-2,4-PENTANEDIOL
5 water water
#
_entity_poly.entity_id   1
_entity_poly.type   'polypeptide(L)'
_entity_poly.pdbx_seq_one_letter_code
;AANDNNVEWNGLFHDQGPLFDNAPEPTSTQSVTLKLRTFKGDITSANIKYWDTADNAFHWVPMVWDSNDPTGTFDYWKGT
IPASPSIKYYRFQINDGTSTAWYNGNGPSSTEPNADDFYIIPNFKTPDWLKNGVMYQIFPDRFYNGDSSNDVQTGSYTYN
GTPTEKKAWGSSVYADPGYDNSLVFFGGDLAGIDQKLGYIKKTLGANILYLNPIFKAPTNHKYDTQDYMAVDPAFGDNST
LQTLINDIHSTANGPKGYLILDGVFNHTGDSHPWFDKYNNFSSQGAYESQSSPWYNYYTFYTWPDSYASFLGFNSLPKLN
YGNSGSAVRGVIYNNSNSVAKTYLNPPYSVDGWRLNAAQYVDANGNNGSDVTNHQIWSEFRNAVKGVNSNAAIIGQYWGN
ANPWTAQGNQWDAATNFDGFTQPVSEWITGKDYQNNSASISTTQFDSWLRGTRANYPTNVQQSMMNFLSNHDITRFATRS
GGDLWKTYLALIFQMTYVGTPTIYYGDEYGMQGGADPDNRRSFDWSQATPSNSAVALTQKLITIRNQYPALRTGSFMTLI
TDDTNKIYSYGRFDNVNRIAVVLNNDSVSHTVNVPVWQLSMPNGSTVTDKITGHSYTVQNGMVTVAVDGHYGAVLAQ
;
_entity_poly.pdbx_strand_id   A
#
loop_
_chem_comp.id
_chem_comp.type
_chem_comp.name
_chem_comp.formula
CA non-polymer 'CALCIUM ION' 'Ca 2'
GLC D-saccharide, alpha linking alpha-D-glucopyranose 'C6 H12 O6'
MPD non-polymer (4S)-2-METHYL-2,4-PENTANEDIOL 'C6 H14 O2'
#
# COMPACT_ATOMS: atom_id res chain seq x y z
N ALA A 1 28.71 -3.20 -28.51
CA ALA A 1 29.57 -3.36 -27.29
C ALA A 1 30.64 -4.41 -27.55
N ALA A 2 31.72 -4.35 -26.77
CA ALA A 2 32.83 -5.29 -26.91
C ALA A 2 33.77 -5.16 -25.72
N ASN A 3 34.91 -5.84 -25.77
CA ASN A 3 35.89 -5.77 -24.68
C ASN A 3 36.83 -4.62 -25.04
N ASP A 4 36.45 -3.43 -24.59
CA ASP A 4 37.20 -2.22 -24.88
C ASP A 4 37.39 -1.34 -23.65
N ASN A 5 37.67 -1.96 -22.51
CA ASN A 5 37.87 -1.21 -21.27
C ASN A 5 36.77 -0.20 -21.03
N ASN A 6 35.52 -0.58 -21.29
CA ASN A 6 34.41 0.32 -21.08
C ASN A 6 33.08 -0.41 -20.91
N VAL A 7 32.40 -0.12 -19.81
CA VAL A 7 31.11 -0.73 -19.50
C VAL A 7 30.03 0.26 -19.95
N GLU A 8 29.13 -0.19 -20.82
CA GLU A 8 28.07 0.69 -21.31
C GLU A 8 26.81 0.63 -20.44
N TRP A 9 26.66 1.65 -19.60
CA TRP A 9 25.53 1.77 -18.68
C TRP A 9 24.14 1.53 -19.29
N ASN A 10 23.90 2.05 -20.49
CA ASN A 10 22.62 1.89 -21.16
C ASN A 10 22.15 0.46 -21.37
N GLY A 11 23.09 -0.48 -21.38
CA GLY A 11 22.72 -1.87 -21.59
C GLY A 11 22.59 -2.66 -20.31
N LEU A 12 22.96 -2.04 -19.18
CA LEU A 12 22.91 -2.70 -17.89
C LEU A 12 21.52 -2.70 -17.27
N PHE A 13 21.22 -3.75 -16.52
CA PHE A 13 19.94 -3.82 -15.82
C PHE A 13 19.76 -5.00 -14.89
N HIS A 14 19.11 -4.73 -13.77
CA HIS A 14 18.77 -5.74 -12.79
C HIS A 14 17.78 -5.25 -11.77
N ASP A 15 16.82 -6.11 -11.44
CA ASP A 15 15.83 -5.85 -10.42
C ASP A 15 15.37 -7.24 -10.05
N GLN A 16 14.44 -7.39 -9.12
CA GLN A 16 14.05 -8.73 -8.73
C GLN A 16 12.80 -9.31 -9.38
N GLY A 17 12.51 -8.85 -10.59
CA GLY A 17 11.37 -9.37 -11.32
C GLY A 17 11.72 -10.75 -11.86
N PRO A 18 10.72 -11.52 -12.32
CA PRO A 18 10.86 -12.88 -12.87
C PRO A 18 12.05 -13.18 -13.78
N LEU A 19 12.40 -12.26 -14.67
CA LEU A 19 13.53 -12.49 -15.59
C LEU A 19 14.91 -12.39 -14.96
N PHE A 20 15.01 -11.78 -13.78
CA PHE A 20 16.31 -11.59 -13.16
C PHE A 20 16.51 -12.18 -11.77
N ASP A 21 15.48 -12.81 -11.23
CA ASP A 21 15.57 -13.38 -9.90
C ASP A 21 14.57 -14.53 -9.75
N ASN A 22 15.08 -15.74 -9.60
CA ASN A 22 14.24 -16.92 -9.49
C ASN A 22 13.70 -17.16 -8.08
N ALA A 23 14.03 -16.29 -7.14
CA ALA A 23 13.56 -16.44 -5.77
C ALA A 23 13.39 -15.09 -5.06
N PRO A 24 12.44 -14.27 -5.52
CA PRO A 24 12.17 -12.94 -4.95
C PRO A 24 11.72 -12.99 -3.49
N GLU A 25 11.16 -14.12 -3.07
CA GLU A 25 10.71 -14.32 -1.70
C GLU A 25 11.32 -15.61 -1.21
N PRO A 26 12.65 -15.63 -1.00
CA PRO A 26 13.38 -16.80 -0.54
C PRO A 26 13.00 -17.35 0.83
N THR A 27 13.00 -18.67 0.95
CA THR A 27 12.71 -19.32 2.23
C THR A 27 14.05 -19.28 2.97
N SER A 28 14.04 -19.71 4.23
CA SER A 28 15.27 -19.69 5.05
C SER A 28 16.45 -20.49 4.52
N THR A 29 16.19 -21.40 3.58
CA THR A 29 17.24 -22.23 3.01
C THR A 29 17.28 -22.16 1.48
N GLN A 30 16.62 -21.17 0.90
CA GLN A 30 16.58 -21.07 -0.55
C GLN A 30 17.76 -20.34 -1.17
N SER A 31 18.29 -20.94 -2.23
CA SER A 31 19.40 -20.35 -2.96
C SER A 31 18.80 -19.30 -3.87
N VAL A 32 19.54 -18.23 -4.13
CA VAL A 32 19.03 -17.18 -5.00
C VAL A 32 19.90 -16.99 -6.23
N THR A 33 19.37 -17.38 -7.39
CA THR A 33 20.09 -17.25 -8.64
C THR A 33 19.64 -15.95 -9.33
N LEU A 34 20.62 -15.09 -9.60
CA LEU A 34 20.38 -13.79 -10.21
C LEU A 34 20.98 -13.65 -11.61
N LYS A 35 20.37 -12.78 -12.41
CA LYS A 35 20.85 -12.51 -13.77
C LYS A 35 21.09 -11.02 -13.95
N LEU A 36 22.21 -10.68 -14.61
CA LEU A 36 22.55 -9.30 -14.88
C LEU A 36 22.53 -9.11 -16.39
N ARG A 37 21.84 -8.08 -16.85
CA ARG A 37 21.76 -7.80 -18.29
C ARG A 37 22.78 -6.75 -18.70
N THR A 38 23.43 -6.97 -19.84
CA THR A 38 24.41 -6.02 -20.39
C THR A 38 24.28 -6.11 -21.91
N PHE A 39 24.85 -5.14 -22.63
CA PHE A 39 24.82 -5.19 -24.08
C PHE A 39 25.63 -6.44 -24.44
N LYS A 40 25.28 -7.10 -25.53
CA LYS A 40 26.01 -8.31 -25.92
C LYS A 40 27.52 -8.08 -26.06
N GLY A 41 28.30 -8.96 -25.42
CA GLY A 41 29.76 -8.88 -25.47
C GLY A 41 30.40 -7.64 -24.89
N ASP A 42 29.71 -6.94 -24.00
CA ASP A 42 30.24 -5.71 -23.41
C ASP A 42 31.20 -5.83 -22.23
N ILE A 43 31.13 -6.91 -21.46
CA ILE A 43 32.01 -7.04 -20.30
C ILE A 43 32.91 -8.26 -20.30
N THR A 44 33.88 -8.28 -19.38
CA THR A 44 34.81 -9.39 -19.26
C THR A 44 34.54 -10.21 -18.00
N SER A 45 33.90 -9.60 -17.01
CA SER A 45 33.56 -10.31 -15.77
C SER A 45 32.57 -9.51 -14.93
N ALA A 46 31.84 -10.21 -14.08
CA ALA A 46 30.87 -9.57 -13.19
C ALA A 46 30.79 -10.34 -11.89
N ASN A 47 30.61 -9.62 -10.79
CA ASN A 47 30.51 -10.24 -9.48
C ASN A 47 29.30 -9.75 -8.71
N ILE A 48 28.73 -10.64 -7.91
CA ILE A 48 27.64 -10.26 -7.05
C ILE A 48 28.39 -10.01 -5.75
N LYS A 49 28.33 -8.78 -5.23
CA LYS A 49 29.01 -8.47 -3.98
C LYS A 49 27.92 -8.31 -2.92
N TYR A 50 27.84 -9.25 -2.00
CA TYR A 50 26.80 -9.16 -0.99
C TYR A 50 27.31 -9.15 0.44
N TRP A 51 26.61 -8.40 1.27
CA TRP A 51 26.91 -8.29 2.68
C TRP A 51 26.09 -9.34 3.41
N ASP A 52 26.72 -10.08 4.32
CA ASP A 52 26.00 -11.10 5.07
C ASP A 52 25.98 -10.71 6.53
N THR A 53 24.77 -10.56 7.08
CA THR A 53 24.63 -10.19 8.48
C THR A 53 25.13 -11.33 9.36
N ALA A 54 25.24 -12.52 8.76
CA ALA A 54 25.70 -13.71 9.48
C ALA A 54 27.14 -13.58 9.99
N ASP A 55 28.02 -13.04 9.16
CA ASP A 55 29.41 -12.91 9.57
C ASP A 55 30.01 -11.52 9.47
N ASN A 56 29.15 -10.51 9.41
CA ASN A 56 29.59 -9.11 9.34
C ASN A 56 30.62 -8.84 8.25
N ALA A 57 30.43 -9.43 7.07
CA ALA A 57 31.40 -9.23 5.98
C ALA A 57 30.82 -9.30 4.56
N PHE A 58 31.55 -8.71 3.62
CA PHE A 58 31.15 -8.74 2.21
C PHE A 58 31.58 -10.07 1.63
N HIS A 59 30.86 -10.52 0.61
CA HIS A 59 31.18 -11.76 -0.06
C HIS A 59 31.03 -11.59 -1.57
N TRP A 60 32.07 -11.98 -2.30
CA TRP A 60 32.09 -11.88 -3.74
C TRP A 60 31.68 -13.20 -4.38
N VAL A 61 30.74 -13.13 -5.31
CA VAL A 61 30.27 -14.31 -6.03
C VAL A 61 30.30 -13.99 -7.53
N PRO A 62 31.23 -14.62 -8.27
CA PRO A 62 31.39 -14.39 -9.71
C PRO A 62 30.15 -14.81 -10.50
N MET A 63 29.95 -14.20 -11.66
CA MET A 63 28.83 -14.53 -12.53
C MET A 63 29.40 -15.20 -13.77
N VAL A 64 28.56 -15.96 -14.46
CA VAL A 64 28.97 -16.64 -15.69
C VAL A 64 27.99 -16.29 -16.79
N TRP A 65 28.47 -16.22 -18.03
CA TRP A 65 27.60 -15.89 -19.15
C TRP A 65 26.53 -16.96 -19.25
N ASP A 66 25.28 -16.55 -19.39
CA ASP A 66 24.17 -17.49 -19.48
C ASP A 66 23.48 -17.50 -20.83
N SER A 67 23.20 -16.34 -21.40
CA SER A 67 22.52 -16.30 -22.69
C SER A 67 22.34 -14.91 -23.29
N ASN A 68 21.65 -14.88 -24.43
CA ASN A 68 21.33 -13.66 -25.15
C ASN A 68 19.80 -13.58 -25.14
N ASP A 69 19.25 -12.38 -25.23
CA ASP A 69 17.80 -12.23 -25.25
C ASP A 69 17.35 -12.57 -26.67
N PRO A 70 16.03 -12.72 -26.89
CA PRO A 70 15.51 -13.04 -28.22
C PRO A 70 15.95 -12.12 -29.36
N THR A 71 16.19 -10.84 -29.06
CA THR A 71 16.61 -9.91 -30.10
C THR A 71 18.11 -9.92 -30.38
N GLY A 72 18.85 -10.69 -29.59
CA GLY A 72 20.28 -10.77 -29.77
C GLY A 72 21.02 -9.47 -29.48
N THR A 73 20.38 -8.58 -28.72
CA THR A 73 20.99 -7.30 -28.38
C THR A 73 21.71 -7.32 -27.04
N PHE A 74 21.28 -8.21 -26.14
CA PHE A 74 21.88 -8.29 -24.81
C PHE A 74 22.43 -9.64 -24.39
N ASP A 75 23.25 -9.61 -23.35
CA ASP A 75 23.83 -10.80 -22.73
C ASP A 75 23.14 -10.91 -21.37
N TYR A 76 23.13 -12.11 -20.82
CA TYR A 76 22.57 -12.35 -19.49
C TYR A 76 23.65 -13.11 -18.72
N TRP A 77 24.08 -12.55 -17.60
CA TRP A 77 25.09 -13.21 -16.77
C TRP A 77 24.35 -13.67 -15.52
N LYS A 78 24.73 -14.84 -14.99
CA LYS A 78 24.05 -15.33 -13.80
C LYS A 78 24.96 -15.79 -12.68
N GLY A 79 24.49 -15.61 -11.46
CA GLY A 79 25.24 -16.00 -10.29
C GLY A 79 24.30 -16.44 -9.18
N THR A 80 24.77 -17.31 -8.29
CA THR A 80 23.94 -17.81 -7.21
C THR A 80 24.53 -17.51 -5.84
N ILE A 81 23.70 -16.93 -4.97
CA ILE A 81 24.12 -16.60 -3.62
C ILE A 81 23.80 -17.78 -2.70
N PRO A 82 24.80 -18.27 -1.95
CA PRO A 82 24.63 -19.40 -1.02
C PRO A 82 23.46 -19.16 -0.05
N ALA A 83 22.74 -20.22 0.28
CA ALA A 83 21.60 -20.10 1.17
C ALA A 83 21.93 -20.14 2.66
N SER A 84 21.08 -19.49 3.45
CA SER A 84 21.18 -19.43 4.91
C SER A 84 20.08 -18.48 5.35
N PRO A 85 19.63 -18.59 6.61
CA PRO A 85 18.56 -17.74 7.16
C PRO A 85 18.89 -16.25 7.33
N SER A 86 20.19 -15.92 7.26
CA SER A 86 20.62 -14.53 7.44
C SER A 86 20.21 -13.55 6.35
N ILE A 87 19.94 -12.32 6.77
CA ILE A 87 19.57 -11.25 5.85
C ILE A 87 20.84 -10.86 5.12
N LYS A 88 20.71 -10.57 3.82
CA LYS A 88 21.85 -10.17 3.00
C LYS A 88 21.50 -9.00 2.07
N TYR A 89 22.50 -8.20 1.70
CA TYR A 89 22.31 -7.05 0.81
C TYR A 89 23.31 -7.19 -0.33
N TYR A 90 22.90 -6.87 -1.56
CA TYR A 90 23.84 -7.02 -2.66
C TYR A 90 23.83 -5.93 -3.72
N ARG A 91 24.94 -5.86 -4.44
CA ARG A 91 25.17 -4.90 -5.51
C ARG A 91 26.05 -5.64 -6.51
N PHE A 92 26.29 -5.05 -7.69
CA PHE A 92 27.11 -5.70 -8.69
C PHE A 92 28.37 -4.90 -9.04
N GLN A 93 29.47 -5.61 -9.27
CA GLN A 93 30.71 -4.99 -9.72
C GLN A 93 30.78 -5.52 -11.13
N ILE A 94 30.66 -4.64 -12.11
CA ILE A 94 30.69 -5.04 -13.51
C ILE A 94 31.99 -4.56 -14.13
N ASN A 95 32.76 -5.49 -14.67
CA ASN A 95 34.05 -5.14 -15.26
C ASN A 95 34.26 -5.45 -16.73
N ASP A 96 34.98 -4.56 -17.39
CA ASP A 96 35.36 -4.73 -18.79
C ASP A 96 36.78 -4.18 -18.83
N GLY A 97 37.74 -5.09 -18.82
CA GLY A 97 39.14 -4.67 -18.83
C GLY A 97 39.46 -3.92 -17.56
N THR A 98 40.01 -2.73 -17.70
CA THR A 98 40.38 -1.89 -16.56
C THR A 98 39.22 -1.02 -16.09
N SER A 99 38.10 -1.09 -16.81
CA SER A 99 36.91 -0.32 -16.47
C SER A 99 35.99 -1.08 -15.53
N THR A 100 35.44 -0.38 -14.54
CA THR A 100 34.54 -0.99 -13.57
C THR A 100 33.36 -0.06 -13.28
N ALA A 101 32.17 -0.64 -13.20
CA ALA A 101 30.96 0.10 -12.90
C ALA A 101 30.24 -0.67 -11.80
N TRP A 102 29.45 0.02 -11.00
CA TRP A 102 28.70 -0.63 -9.93
C TRP A 102 27.22 -0.48 -10.20
N TYR A 103 26.41 -1.39 -9.66
CA TYR A 103 24.98 -1.35 -9.89
C TYR A 103 24.19 -1.86 -8.69
N ASN A 104 23.23 -1.07 -8.23
CA ASN A 104 22.39 -1.46 -7.10
C ASN A 104 20.95 -0.98 -7.28
N GLY A 105 20.21 -0.97 -6.17
CA GLY A 105 18.82 -0.54 -6.21
C GLY A 105 18.56 0.79 -6.88
N ASN A 106 19.58 1.64 -6.99
CA ASN A 106 19.41 2.93 -7.63
C ASN A 106 20.05 3.00 -9.00
N GLY A 107 20.39 1.86 -9.56
CA GLY A 107 21.00 1.83 -10.87
C GLY A 107 22.51 1.83 -10.91
N PRO A 108 23.09 2.26 -12.05
CA PRO A 108 24.54 2.31 -12.26
C PRO A 108 25.24 3.48 -11.60
N SER A 109 26.50 3.26 -11.25
CA SER A 109 27.31 4.28 -10.60
C SER A 109 28.79 4.06 -10.91
N SER A 110 29.54 5.16 -10.96
CA SER A 110 30.97 5.11 -11.23
C SER A 110 31.73 4.79 -9.95
N THR A 111 31.11 5.07 -8.82
CA THR A 111 31.71 4.80 -7.51
C THR A 111 30.85 3.77 -6.79
N GLU A 112 31.47 2.94 -5.95
CA GLU A 112 30.75 1.92 -5.23
C GLU A 112 29.82 2.52 -4.17
N PRO A 113 28.50 2.35 -4.34
CA PRO A 113 27.48 2.87 -3.42
C PRO A 113 27.61 2.28 -2.02
N ASN A 114 27.09 2.99 -1.03
CA ASN A 114 27.13 2.55 0.35
C ASN A 114 25.72 2.31 0.87
N ALA A 115 24.74 2.40 -0.03
CA ALA A 115 23.35 2.20 0.32
C ALA A 115 22.54 1.80 -0.90
N ASP A 116 21.24 1.57 -0.69
CA ASP A 116 20.34 1.20 -1.77
C ASP A 116 20.63 -0.16 -2.40
N ASP A 117 21.32 -1.01 -1.65
CA ASP A 117 21.63 -2.35 -2.13
C ASP A 117 20.32 -3.13 -2.21
N PHE A 118 20.31 -4.21 -2.98
CA PHE A 118 19.11 -5.03 -3.08
C PHE A 118 19.01 -5.90 -1.84
N TYR A 119 17.82 -6.42 -1.57
CA TYR A 119 17.57 -7.25 -0.40
C TYR A 119 17.33 -8.73 -0.65
N ILE A 120 17.75 -9.52 0.33
CA ILE A 120 17.54 -10.96 0.34
C ILE A 120 17.18 -11.23 1.80
N ILE A 121 15.88 -11.44 2.03
CA ILE A 121 15.34 -11.68 3.36
C ILE A 121 14.68 -13.05 3.41
N PRO A 122 15.40 -14.06 3.92
CA PRO A 122 14.89 -15.44 4.03
C PRO A 122 13.66 -15.60 4.92
N ASN A 123 12.73 -16.42 4.44
CA ASN A 123 11.49 -16.71 5.16
C ASN A 123 10.57 -15.51 5.41
N PHE A 124 10.49 -14.63 4.43
CA PHE A 124 9.64 -13.45 4.51
C PHE A 124 8.76 -13.50 3.27
N LYS A 125 7.47 -13.78 3.48
CA LYS A 125 6.53 -13.87 2.37
C LYS A 125 5.29 -13.03 2.67
N THR A 126 4.84 -12.24 1.70
CA THR A 126 3.63 -11.45 1.87
C THR A 126 2.58 -12.17 1.02
N PRO A 127 1.28 -12.02 1.34
CA PRO A 127 0.20 -12.69 0.60
C PRO A 127 0.19 -12.34 -0.89
N ASP A 128 0.16 -13.36 -1.74
CA ASP A 128 0.16 -13.08 -3.17
C ASP A 128 -1.14 -12.46 -3.66
N TRP A 129 -2.24 -12.65 -2.95
CA TRP A 129 -3.49 -12.04 -3.38
C TRP A 129 -3.39 -10.52 -3.22
N LEU A 130 -2.57 -10.08 -2.26
CA LEU A 130 -2.37 -8.66 -2.01
C LEU A 130 -1.51 -8.03 -3.11
N LYS A 131 -0.49 -8.76 -3.55
CA LYS A 131 0.39 -8.28 -4.61
C LYS A 131 -0.38 -8.11 -5.92
N ASN A 132 -1.32 -9.02 -6.16
CA ASN A 132 -2.10 -9.04 -7.40
C ASN A 132 -3.48 -8.41 -7.42
N GLY A 133 -3.97 -7.91 -6.29
CA GLY A 133 -5.30 -7.34 -6.27
C GLY A 133 -5.43 -5.83 -6.34
N VAL A 134 -6.67 -5.37 -6.35
CA VAL A 134 -7.02 -3.95 -6.37
C VAL A 134 -7.87 -3.72 -5.13
N MET A 135 -7.45 -2.76 -4.31
CA MET A 135 -8.14 -2.44 -3.07
C MET A 135 -9.10 -1.26 -3.17
N TYR A 136 -10.11 -1.25 -2.30
CA TYR A 136 -11.13 -0.20 -2.26
C TYR A 136 -11.36 0.12 -0.78
N GLN A 137 -10.90 1.29 -0.33
CA GLN A 137 -11.07 1.67 1.08
C GLN A 137 -12.38 2.40 1.32
N ILE A 138 -13.12 1.93 2.33
CA ILE A 138 -14.41 2.52 2.69
C ILE A 138 -14.47 3.06 4.13
N PHE A 139 -14.98 4.28 4.28
CA PHE A 139 -15.18 4.90 5.59
C PHE A 139 -16.67 4.61 5.74
N PRO A 140 -17.00 3.50 6.43
CA PRO A 140 -18.35 2.96 6.73
C PRO A 140 -19.54 3.90 6.83
N ASP A 141 -19.45 4.90 7.68
CA ASP A 141 -20.60 5.80 7.85
C ASP A 141 -20.95 6.61 6.62
N ARG A 142 -20.03 6.71 5.66
CA ARG A 142 -20.26 7.53 4.49
C ARG A 142 -20.46 6.83 3.14
N PHE A 143 -20.53 5.50 3.14
CA PHE A 143 -20.69 4.76 1.89
C PHE A 143 -22.14 4.51 1.46
N TYR A 144 -22.89 3.73 2.24
CA TYR A 144 -24.29 3.46 1.89
C TYR A 144 -25.13 2.97 3.08
N ASN A 145 -26.28 3.62 3.28
CA ASN A 145 -27.17 3.26 4.38
C ASN A 145 -28.07 2.10 3.97
N GLY A 146 -27.65 0.88 4.29
CA GLY A 146 -28.42 -0.30 3.93
C GLY A 146 -29.53 -0.64 4.90
N ASP A 147 -29.41 -0.17 6.14
CA ASP A 147 -30.42 -0.43 7.17
C ASP A 147 -30.66 0.87 7.93
N SER A 148 -31.81 1.48 7.73
CA SER A 148 -32.11 2.73 8.40
C SER A 148 -32.45 2.58 9.88
N SER A 149 -32.86 1.38 10.30
CA SER A 149 -33.23 1.17 11.71
C SER A 149 -32.06 1.27 12.70
N ASN A 150 -30.83 1.14 12.23
CA ASN A 150 -29.69 1.22 13.15
C ASN A 150 -29.04 2.60 13.17
N ASP A 151 -29.57 3.53 12.37
CA ASP A 151 -29.02 4.87 12.30
C ASP A 151 -28.91 5.59 13.63
N VAL A 152 -27.77 6.23 13.86
CA VAL A 152 -27.60 7.00 15.09
C VAL A 152 -28.48 8.24 14.93
N GLN A 153 -29.36 8.48 15.90
CA GLN A 153 -30.25 9.63 15.83
C GLN A 153 -29.65 10.82 16.55
N THR A 154 -30.03 12.02 16.12
CA THR A 154 -29.55 13.25 16.74
C THR A 154 -29.90 13.20 18.23
N GLY A 155 -28.92 13.52 19.07
CA GLY A 155 -29.16 13.53 20.51
C GLY A 155 -29.25 12.17 21.17
N SER A 156 -29.05 11.10 20.41
CA SER A 156 -29.13 9.75 20.96
C SER A 156 -28.26 9.67 22.21
N TYR A 157 -27.03 10.14 22.11
CA TYR A 157 -26.14 10.14 23.26
C TYR A 157 -25.20 11.33 23.17
N THR A 158 -24.63 11.70 24.31
CA THR A 158 -23.72 12.83 24.36
C THR A 158 -22.35 12.33 24.81
N TYR A 159 -21.30 12.88 24.20
CA TYR A 159 -19.94 12.49 24.54
C TYR A 159 -19.05 13.72 24.45
N ASN A 160 -18.24 13.92 25.49
CA ASN A 160 -17.33 15.06 25.55
C ASN A 160 -18.18 16.33 25.72
N GLY A 161 -19.36 16.16 26.29
CA GLY A 161 -20.26 17.28 26.50
C GLY A 161 -21.04 17.71 25.27
N THR A 162 -21.05 16.87 24.23
CA THR A 162 -21.76 17.20 23.00
C THR A 162 -22.63 16.05 22.51
N PRO A 163 -23.83 16.35 22.01
CA PRO A 163 -24.75 15.32 21.50
C PRO A 163 -24.43 14.90 20.07
N THR A 164 -24.93 13.72 19.68
CA THR A 164 -24.71 13.23 18.32
C THR A 164 -25.71 13.90 17.38
N GLU A 165 -25.38 13.92 16.09
CA GLU A 165 -26.29 14.50 15.09
C GLU A 165 -26.39 13.60 13.87
N LYS A 166 -27.59 13.46 13.33
CA LYS A 166 -27.79 12.68 12.13
C LYS A 166 -27.79 13.69 10.98
N LYS A 167 -27.03 13.42 9.93
CA LYS A 167 -26.95 14.32 8.78
C LYS A 167 -27.63 13.76 7.54
N ALA A 168 -28.26 14.63 6.77
CA ALA A 168 -28.95 14.23 5.55
C ALA A 168 -27.90 13.84 4.51
N TRP A 169 -28.22 12.84 3.69
CA TRP A 169 -27.26 12.39 2.68
C TRP A 169 -26.97 13.53 1.71
N GLY A 170 -25.70 13.74 1.40
CA GLY A 170 -25.34 14.80 0.47
C GLY A 170 -25.22 16.18 1.08
N SER A 171 -25.31 16.28 2.41
CA SER A 171 -25.17 17.57 3.06
C SER A 171 -23.74 17.69 3.57
N SER A 172 -23.34 18.89 3.97
CA SER A 172 -21.99 19.12 4.48
C SER A 172 -21.66 18.18 5.63
N VAL A 173 -20.41 17.71 5.68
CA VAL A 173 -19.99 16.81 6.75
C VAL A 173 -19.79 17.56 8.06
N TYR A 174 -19.62 18.87 7.97
CA TYR A 174 -19.42 19.69 9.17
C TYR A 174 -20.65 19.70 10.04
N ALA A 175 -20.44 19.51 11.35
CA ALA A 175 -21.54 19.49 12.29
C ALA A 175 -22.28 20.82 12.31
N ASP A 176 -23.60 20.76 12.48
CA ASP A 176 -24.38 21.98 12.56
C ASP A 176 -24.10 22.59 13.94
N PRO A 177 -24.41 23.87 14.13
CA PRO A 177 -24.16 24.50 15.43
C PRO A 177 -24.72 23.70 16.60
N GLY A 178 -23.85 23.34 17.54
CA GLY A 178 -24.28 22.59 18.71
C GLY A 178 -23.75 21.16 18.72
N TYR A 179 -23.21 20.71 17.61
CA TYR A 179 -22.69 19.34 17.54
C TYR A 179 -21.20 19.30 17.24
N ASP A 180 -20.62 18.11 17.36
CA ASP A 180 -19.19 17.93 17.12
C ASP A 180 -18.91 17.16 15.84
N ASN A 181 -17.88 17.57 15.11
CA ASN A 181 -17.52 16.90 13.86
C ASN A 181 -17.32 15.40 14.00
N SER A 182 -16.90 14.97 15.20
CA SER A 182 -16.66 13.56 15.45
C SER A 182 -17.91 12.77 15.85
N LEU A 183 -19.03 13.46 15.97
CA LEU A 183 -20.28 12.81 16.35
C LEU A 183 -21.39 13.02 15.31
N VAL A 184 -20.97 13.17 14.05
CA VAL A 184 -21.87 13.36 12.92
C VAL A 184 -22.04 12.01 12.22
N PHE A 185 -23.28 11.58 12.06
CA PHE A 185 -23.58 10.30 11.42
C PHE A 185 -24.56 10.37 10.26
N PHE A 186 -24.14 9.89 9.09
CA PHE A 186 -24.98 9.89 7.90
C PHE A 186 -25.78 8.59 7.76
N GLY A 187 -25.37 7.54 8.45
CA GLY A 187 -26.12 6.30 8.39
C GLY A 187 -25.52 5.13 7.65
N GLY A 188 -24.34 5.32 7.05
CA GLY A 188 -23.70 4.23 6.33
C GLY A 188 -23.43 3.05 7.24
N ASP A 189 -23.65 1.84 6.74
CA ASP A 189 -23.45 0.64 7.55
C ASP A 189 -22.90 -0.56 6.78
N LEU A 190 -22.77 -1.70 7.47
CA LEU A 190 -22.25 -2.91 6.85
C LEU A 190 -23.26 -3.50 5.85
N ALA A 191 -24.55 -3.35 6.13
CA ALA A 191 -25.57 -3.87 5.22
C ALA A 191 -25.46 -3.12 3.90
N GLY A 192 -25.19 -1.83 3.99
CA GLY A 192 -25.05 -1.01 2.80
C GLY A 192 -23.89 -1.47 1.94
N ILE A 193 -22.75 -1.73 2.59
CA ILE A 193 -21.56 -2.19 1.89
C ILE A 193 -21.85 -3.51 1.17
N ASP A 194 -22.57 -4.40 1.86
CA ASP A 194 -22.92 -5.70 1.28
C ASP A 194 -23.80 -5.51 0.05
N GLN A 195 -24.79 -4.63 0.16
CA GLN A 195 -25.72 -4.35 -0.94
C GLN A 195 -25.00 -3.77 -2.15
N LYS A 196 -23.89 -3.08 -1.92
CA LYS A 196 -23.13 -2.47 -3.00
C LYS A 196 -21.87 -3.25 -3.40
N LEU A 197 -21.82 -4.54 -3.08
CA LEU A 197 -20.67 -5.35 -3.45
C LEU A 197 -20.63 -5.54 -4.97
N GLY A 198 -21.79 -5.46 -5.60
CA GLY A 198 -21.86 -5.60 -7.03
C GLY A 198 -21.22 -4.39 -7.69
N TYR A 199 -21.39 -3.22 -7.08
CA TYR A 199 -20.79 -2.01 -7.63
C TYR A 199 -19.26 -2.09 -7.49
N ILE A 200 -18.81 -2.51 -6.31
CA ILE A 200 -17.39 -2.60 -6.03
C ILE A 200 -16.67 -3.69 -6.83
N LYS A 201 -17.17 -4.91 -6.73
CA LYS A 201 -16.56 -6.06 -7.40
C LYS A 201 -16.88 -6.26 -8.88
N LYS A 202 -18.06 -5.80 -9.32
CA LYS A 202 -18.46 -5.95 -10.72
C LYS A 202 -18.33 -4.69 -11.54
N THR A 203 -19.04 -3.64 -11.14
CA THR A 203 -18.98 -2.39 -11.87
C THR A 203 -17.55 -1.85 -11.91
N LEU A 204 -16.86 -1.85 -10.77
CA LEU A 204 -15.48 -1.38 -10.73
C LEU A 204 -14.50 -2.52 -11.00
N GLY A 205 -14.54 -3.55 -10.17
CA GLY A 205 -13.66 -4.68 -10.35
C GLY A 205 -12.68 -4.92 -9.21
N ALA A 206 -12.74 -4.08 -8.18
CA ALA A 206 -11.84 -4.24 -7.04
C ALA A 206 -12.19 -5.52 -6.30
N ASN A 207 -11.19 -6.22 -5.79
CA ASN A 207 -11.46 -7.46 -5.06
C ASN A 207 -10.96 -7.44 -3.61
N ILE A 208 -10.46 -6.30 -3.15
CA ILE A 208 -10.00 -6.19 -1.77
C ILE A 208 -10.69 -5.00 -1.12
N LEU A 209 -11.33 -5.21 0.02
CA LEU A 209 -11.97 -4.12 0.73
C LEU A 209 -11.19 -3.80 1.99
N TYR A 210 -10.95 -2.52 2.24
CA TYR A 210 -10.27 -2.10 3.46
C TYR A 210 -11.23 -1.13 4.13
N LEU A 211 -11.68 -1.49 5.32
CA LEU A 211 -12.62 -0.66 6.06
C LEU A 211 -11.99 0.06 7.23
N ASN A 212 -12.39 1.31 7.44
CA ASN A 212 -11.89 2.05 8.58
C ASN A 212 -12.56 1.31 9.75
N PRO A 213 -12.20 1.63 11.01
CA PRO A 213 -12.78 0.96 12.17
C PRO A 213 -14.29 0.70 12.17
N ILE A 214 -14.68 -0.51 12.58
CA ILE A 214 -16.09 -0.88 12.63
C ILE A 214 -16.53 -1.45 13.98
N PHE A 215 -15.64 -1.49 14.98
CA PHE A 215 -16.00 -2.02 16.29
C PHE A 215 -16.62 -0.93 17.17
N LYS A 216 -17.41 -1.35 18.15
CA LYS A 216 -18.10 -0.43 19.07
C LYS A 216 -17.20 0.73 19.50
N ALA A 217 -17.69 1.95 19.29
CA ALA A 217 -16.98 3.18 19.65
C ALA A 217 -18.00 4.30 19.51
N PRO A 218 -17.86 5.38 20.31
CA PRO A 218 -18.85 6.46 20.21
C PRO A 218 -18.73 7.41 19.02
N THR A 219 -17.53 7.60 18.49
CA THR A 219 -17.33 8.50 17.35
C THR A 219 -17.74 7.93 15.99
N ASN A 220 -17.75 8.79 14.97
CA ASN A 220 -18.11 8.35 13.62
C ASN A 220 -16.91 7.75 12.89
N HIS A 221 -15.69 7.99 13.40
CA HIS A 221 -14.51 7.42 12.77
C HIS A 221 -14.17 6.11 13.49
N LYS A 222 -14.55 6.06 14.76
CA LYS A 222 -14.37 4.90 15.62
C LYS A 222 -12.95 4.44 15.94
N TYR A 223 -12.02 5.39 16.02
CA TYR A 223 -10.65 5.04 16.37
C TYR A 223 -10.50 5.07 17.89
N ASP A 224 -11.60 5.33 18.59
CA ASP A 224 -11.61 5.35 20.06
C ASP A 224 -12.41 4.13 20.53
N THR A 225 -11.84 2.96 20.26
CA THR A 225 -12.44 1.67 20.58
C THR A 225 -12.96 1.48 21.98
N GLN A 226 -14.16 0.93 22.06
CA GLN A 226 -14.85 0.67 23.30
C GLN A 226 -14.98 -0.85 23.49
N ASP A 227 -15.05 -1.58 22.37
CA ASP A 227 -15.18 -3.03 22.38
C ASP A 227 -14.69 -3.64 21.07
N TYR A 228 -13.54 -4.32 21.10
CA TYR A 228 -13.00 -4.94 19.89
C TYR A 228 -13.74 -6.21 19.48
N MET A 229 -14.53 -6.79 20.39
CA MET A 229 -15.25 -8.04 20.07
C MET A 229 -16.61 -7.90 19.43
N ALA A 230 -16.99 -6.68 19.06
CA ALA A 230 -18.29 -6.47 18.43
C ALA A 230 -18.37 -5.28 17.51
N VAL A 231 -19.15 -5.42 16.44
CA VAL A 231 -19.38 -4.37 15.47
C VAL A 231 -20.23 -3.29 16.18
N ASP A 232 -19.99 -2.02 15.86
CA ASP A 232 -20.79 -0.96 16.47
C ASP A 232 -22.24 -1.16 16.02
N PRO A 233 -23.20 -1.09 16.94
CA PRO A 233 -24.62 -1.26 16.61
C PRO A 233 -25.09 -0.41 15.43
N ALA A 234 -24.49 0.76 15.24
CA ALA A 234 -24.89 1.61 14.13
C ALA A 234 -24.47 1.02 12.80
N PHE A 235 -23.45 0.17 12.80
CA PHE A 235 -22.97 -0.46 11.58
C PHE A 235 -23.62 -1.83 11.37
N GLY A 236 -24.23 -2.35 12.42
CA GLY A 236 -24.87 -3.65 12.33
C GLY A 236 -24.51 -4.50 13.55
N ASP A 237 -24.30 -5.79 13.33
CA ASP A 237 -23.93 -6.69 14.41
C ASP A 237 -22.98 -7.74 13.86
N ASN A 238 -22.43 -8.58 14.73
CA ASN A 238 -21.48 -9.60 14.31
C ASN A 238 -22.02 -10.58 13.26
N SER A 239 -23.33 -10.84 13.27
CA SER A 239 -23.92 -11.73 12.27
C SER A 239 -23.91 -11.02 10.92
N THR A 240 -24.20 -9.71 10.93
CA THR A 240 -24.18 -8.94 9.70
C THR A 240 -22.76 -8.99 9.14
N LEU A 241 -21.77 -8.95 10.03
CA LEU A 241 -20.37 -8.99 9.61
C LEU A 241 -20.03 -10.34 8.99
N GLN A 242 -20.53 -11.41 9.59
CA GLN A 242 -20.29 -12.75 9.07
C GLN A 242 -20.87 -12.88 7.67
N THR A 243 -22.04 -12.29 7.46
CA THR A 243 -22.69 -12.34 6.15
C THR A 243 -21.88 -11.53 5.13
N LEU A 244 -21.46 -10.33 5.53
CA LEU A 244 -20.69 -9.46 4.64
C LEU A 244 -19.41 -10.13 4.21
N ILE A 245 -18.70 -10.74 5.15
CA ILE A 245 -17.45 -11.42 4.84
C ILE A 245 -17.73 -12.55 3.87
N ASN A 246 -18.78 -13.31 4.14
CA ASN A 246 -19.15 -14.42 3.27
C ASN A 246 -19.44 -13.90 1.86
N ASP A 247 -20.18 -12.78 1.79
CA ASP A 247 -20.53 -12.20 0.51
C ASP A 247 -19.30 -11.61 -0.21
N ILE A 248 -18.34 -11.11 0.55
CA ILE A 248 -17.13 -10.58 -0.05
C ILE A 248 -16.32 -11.73 -0.64
N HIS A 249 -16.25 -12.83 0.10
CA HIS A 249 -15.51 -14.02 -0.35
C HIS A 249 -16.23 -14.75 -1.49
N SER A 250 -17.53 -14.50 -1.64
CA SER A 250 -18.34 -15.12 -2.69
C SER A 250 -17.90 -14.76 -4.11
N THR A 251 -18.25 -15.64 -5.06
CA THR A 251 -17.92 -15.42 -6.46
C THR A 251 -19.22 -15.21 -7.24
N ALA A 252 -20.33 -15.15 -6.53
CA ALA A 252 -21.64 -14.97 -7.15
C ALA A 252 -21.98 -13.52 -7.47
N ASN A 253 -21.27 -12.60 -6.82
CA ASN A 253 -21.52 -11.18 -7.01
C ASN A 253 -20.28 -10.49 -7.58
N GLY A 254 -19.43 -11.26 -8.23
CA GLY A 254 -18.20 -10.73 -8.81
C GLY A 254 -17.05 -11.66 -8.45
N PRO A 255 -15.80 -11.29 -8.73
CA PRO A 255 -14.68 -12.17 -8.40
C PRO A 255 -14.55 -12.34 -6.88
N LYS A 256 -13.82 -13.38 -6.48
CA LYS A 256 -13.61 -13.63 -5.05
C LYS A 256 -12.90 -12.42 -4.43
N GLY A 257 -13.44 -11.94 -3.30
CA GLY A 257 -12.84 -10.80 -2.64
C GLY A 257 -12.12 -11.12 -1.33
N TYR A 258 -11.47 -10.11 -0.76
CA TYR A 258 -10.73 -10.23 0.50
C TYR A 258 -11.06 -9.05 1.40
N LEU A 259 -11.12 -9.28 2.71
CA LEU A 259 -11.44 -8.21 3.65
C LEU A 259 -10.31 -7.86 4.62
N ILE A 260 -9.96 -6.58 4.67
CA ILE A 260 -8.92 -6.11 5.57
C ILE A 260 -9.58 -5.14 6.56
N LEU A 261 -9.45 -5.42 7.85
CA LEU A 261 -10.04 -4.57 8.88
C LEU A 261 -9.01 -3.62 9.50
N ASP A 262 -9.50 -2.55 10.12
CA ASP A 262 -8.61 -1.58 10.74
C ASP A 262 -8.33 -2.01 12.19
N GLY A 263 -7.07 -2.26 12.50
CA GLY A 263 -6.70 -2.68 13.83
C GLY A 263 -6.14 -1.52 14.64
N VAL A 264 -6.92 -1.04 15.59
CA VAL A 264 -6.52 0.09 16.41
C VAL A 264 -5.99 -0.44 17.73
N PHE A 265 -4.74 -0.89 17.72
CA PHE A 265 -4.15 -1.48 18.90
C PHE A 265 -3.20 -0.62 19.73
N ASN A 266 -2.96 0.61 19.31
CA ASN A 266 -2.06 1.45 20.08
C ASN A 266 -2.75 2.03 21.31
N HIS A 267 -4.06 2.20 21.21
CA HIS A 267 -4.85 2.79 22.29
C HIS A 267 -6.32 2.37 22.19
N THR A 268 -7.10 2.74 23.19
CA THR A 268 -8.53 2.47 23.21
C THR A 268 -9.23 3.79 23.50
N GLY A 269 -10.56 3.78 23.50
CA GLY A 269 -11.30 4.99 23.81
C GLY A 269 -11.36 5.07 25.33
N ASP A 270 -11.66 6.24 25.89
CA ASP A 270 -11.73 6.37 27.34
C ASP A 270 -13.02 5.78 27.89
N SER A 271 -13.93 5.40 27.00
CA SER A 271 -15.20 4.82 27.42
C SER A 271 -15.19 3.29 27.39
N HIS A 272 -14.02 2.71 27.11
CA HIS A 272 -13.87 1.25 27.07
C HIS A 272 -14.00 0.70 28.49
N PRO A 273 -14.75 -0.41 28.65
CA PRO A 273 -14.95 -1.04 29.96
C PRO A 273 -13.67 -1.16 30.80
N TRP A 274 -12.54 -1.40 30.14
CA TRP A 274 -11.27 -1.56 30.85
C TRP A 274 -10.85 -0.26 31.54
N PHE A 275 -11.17 0.87 30.92
CA PHE A 275 -10.82 2.19 31.42
C PHE A 275 -12.03 2.79 32.17
N ASP A 276 -13.13 2.92 31.43
CA ASP A 276 -14.41 3.42 31.93
C ASP A 276 -14.35 4.73 32.71
N LYS A 277 -13.89 5.78 32.03
CA LYS A 277 -13.75 7.11 32.63
C LYS A 277 -15.07 7.74 33.08
N TYR A 278 -16.16 7.45 32.38
CA TYR A 278 -17.44 8.05 32.74
C TYR A 278 -18.35 7.14 33.55
N ASN A 279 -17.78 6.12 34.17
CA ASN A 279 -18.52 5.19 35.01
C ASN A 279 -19.80 4.72 34.32
N ASN A 280 -19.66 4.09 33.15
CA ASN A 280 -20.81 3.60 32.41
C ASN A 280 -21.02 2.10 32.52
N PHE A 281 -20.07 1.39 33.13
CA PHE A 281 -20.20 -0.06 33.26
C PHE A 281 -19.90 -0.62 34.65
N SER A 282 -20.49 -1.78 34.94
CA SER A 282 -20.30 -2.45 36.22
C SER A 282 -18.87 -2.45 36.72
N SER A 283 -18.07 -3.35 36.15
CA SER A 283 -16.68 -3.50 36.53
C SER A 283 -15.99 -2.17 36.80
N GLN A 284 -14.98 -2.20 37.67
CA GLN A 284 -14.22 -1.01 38.03
C GLN A 284 -13.04 -0.87 37.08
N GLY A 285 -13.18 0.04 36.12
CA GLY A 285 -12.14 0.26 35.15
C GLY A 285 -10.88 0.83 35.78
N ALA A 286 -9.78 0.79 35.01
CA ALA A 286 -8.49 1.29 35.46
C ALA A 286 -8.59 2.73 35.95
N TYR A 287 -9.40 3.54 35.28
CA TYR A 287 -9.57 4.93 35.65
C TYR A 287 -10.32 5.08 36.98
N GLU A 288 -11.19 4.13 37.28
CA GLU A 288 -12.01 4.16 38.47
C GLU A 288 -11.45 3.57 39.77
N SER A 289 -10.60 2.56 39.66
CA SER A 289 -10.04 1.92 40.85
C SER A 289 -8.64 1.40 40.59
N GLN A 290 -7.72 1.73 41.48
CA GLN A 290 -6.33 1.28 41.34
C GLN A 290 -6.33 -0.23 41.46
N SER A 291 -7.44 -0.76 41.96
CA SER A 291 -7.63 -2.19 42.16
C SER A 291 -8.40 -2.83 41.01
N SER A 292 -8.37 -2.18 39.85
CA SER A 292 -9.05 -2.67 38.66
C SER A 292 -8.35 -3.91 38.09
N PRO A 293 -9.11 -4.90 37.63
CA PRO A 293 -8.50 -6.09 37.06
C PRO A 293 -7.66 -5.76 35.83
N TRP A 294 -7.92 -4.60 35.23
CA TRP A 294 -7.22 -4.18 34.02
C TRP A 294 -6.32 -2.96 34.23
N TYR A 295 -5.89 -2.74 35.47
CA TYR A 295 -5.05 -1.58 35.77
C TYR A 295 -3.73 -1.57 35.00
N ASN A 296 -3.11 -2.73 34.87
CA ASN A 296 -1.84 -2.84 34.17
C ASN A 296 -1.93 -2.63 32.66
N TYR A 297 -3.15 -2.60 32.12
CA TYR A 297 -3.36 -2.40 30.69
C TYR A 297 -3.02 -1.00 30.22
N TYR A 298 -2.96 -0.04 31.13
CA TYR A 298 -2.65 1.33 30.77
C TYR A 298 -1.45 1.88 31.54
N THR A 299 -1.09 3.13 31.25
CA THR A 299 0.04 3.78 31.91
C THR A 299 -0.39 5.14 32.47
N PHE A 300 -0.43 5.23 33.80
CA PHE A 300 -0.80 6.49 34.45
C PHE A 300 0.47 7.18 34.95
N TYR A 301 0.46 8.51 34.95
CA TYR A 301 1.58 9.29 35.44
C TYR A 301 1.13 9.85 36.78
N THR A 302 -0.17 10.08 36.87
CA THR A 302 -0.82 10.58 38.09
C THR A 302 -2.25 10.04 38.05
N TRP A 303 -2.46 8.88 38.64
CA TRP A 303 -3.78 8.27 38.65
C TRP A 303 -4.80 9.18 39.32
N PRO A 304 -6.00 9.30 38.74
CA PRO A 304 -6.43 8.62 37.51
C PRO A 304 -6.48 9.50 36.25
N ASP A 305 -6.54 10.81 36.43
CA ASP A 305 -6.66 11.70 35.27
C ASP A 305 -5.45 12.10 34.45
N SER A 306 -4.29 11.51 34.72
CA SER A 306 -3.11 11.82 33.91
C SER A 306 -2.53 10.49 33.45
N TYR A 307 -2.65 10.22 32.15
CA TYR A 307 -2.18 8.96 31.61
C TYR A 307 -1.63 9.10 30.20
N ALA A 308 -0.86 8.11 29.78
CA ALA A 308 -0.29 8.11 28.45
C ALA A 308 -1.46 8.04 27.48
N SER A 309 -1.33 8.69 26.33
CA SER A 309 -2.38 8.69 25.33
C SER A 309 -1.81 8.90 23.94
N PHE A 310 -2.69 8.92 22.95
CA PHE A 310 -2.26 9.14 21.59
C PHE A 310 -2.16 10.65 21.40
N LEU A 311 -0.93 11.11 21.20
CA LEU A 311 -0.61 12.52 21.00
C LEU A 311 -1.34 13.52 21.91
N GLY A 312 -1.54 13.15 23.16
CA GLY A 312 -2.20 14.06 24.08
C GLY A 312 -3.72 14.07 24.06
N PHE A 313 -4.34 13.25 23.22
CA PHE A 313 -5.80 13.18 23.15
C PHE A 313 -6.33 12.40 24.35
N ASN A 314 -6.98 13.11 25.27
CA ASN A 314 -7.55 12.54 26.49
C ASN A 314 -8.45 11.34 26.29
N SER A 315 -9.23 11.36 25.22
CA SER A 315 -10.15 10.27 24.93
C SER A 315 -9.46 9.04 24.36
N LEU A 316 -8.14 9.11 24.17
CA LEU A 316 -7.41 7.98 23.60
C LEU A 316 -6.32 7.38 24.49
N PRO A 317 -6.70 6.81 25.65
CA PRO A 317 -5.70 6.22 26.55
C PRO A 317 -4.85 5.15 25.85
N LYS A 318 -3.54 5.23 26.05
CA LYS A 318 -2.57 4.34 25.42
C LYS A 318 -2.39 2.99 26.12
N LEU A 319 -2.43 1.92 25.34
CA LEU A 319 -2.26 0.58 25.86
C LEU A 319 -0.81 0.27 26.22
N ASN A 320 -0.61 -0.28 27.42
CA ASN A 320 0.71 -0.65 27.88
C ASN A 320 0.97 -2.11 27.51
N TYR A 321 1.78 -2.34 26.48
CA TYR A 321 2.08 -3.69 26.04
C TYR A 321 3.10 -4.42 26.92
N GLY A 322 3.64 -3.70 27.90
CA GLY A 322 4.62 -4.28 28.80
C GLY A 322 5.69 -5.07 28.08
N ASN A 323 6.07 -6.21 28.66
CA ASN A 323 7.08 -7.08 28.07
C ASN A 323 6.42 -8.34 27.55
N SER A 324 7.21 -9.20 26.89
CA SER A 324 6.68 -10.44 26.34
C SER A 324 5.88 -11.19 27.39
N GLY A 325 4.79 -11.80 26.95
CA GLY A 325 3.94 -12.55 27.86
C GLY A 325 2.99 -11.72 28.70
N SER A 326 2.97 -10.41 28.49
CA SER A 326 2.08 -9.53 29.25
C SER A 326 0.59 -9.79 28.96
N ALA A 327 -0.26 -9.27 29.84
CA ALA A 327 -1.70 -9.44 29.70
C ALA A 327 -2.25 -8.72 28.47
N VAL A 328 -1.68 -7.57 28.13
CA VAL A 328 -2.15 -6.84 26.97
C VAL A 328 -1.76 -7.57 25.69
N ARG A 329 -0.56 -8.13 25.65
CA ARG A 329 -0.13 -8.86 24.46
C ARG A 329 -1.01 -10.09 24.33
N GLY A 330 -1.51 -10.58 25.46
CA GLY A 330 -2.38 -11.75 25.45
C GLY A 330 -3.73 -11.44 24.83
N VAL A 331 -4.41 -10.42 25.35
CA VAL A 331 -5.72 -10.05 24.82
C VAL A 331 -5.67 -9.58 23.37
N ILE A 332 -4.56 -8.97 22.96
CA ILE A 332 -4.47 -8.48 21.60
C ILE A 332 -4.02 -9.51 20.57
N TYR A 333 -2.96 -10.27 20.86
CA TYR A 333 -2.48 -11.24 19.89
C TYR A 333 -1.90 -12.58 20.35
N ASN A 334 -1.75 -12.81 21.66
CA ASN A 334 -1.18 -14.08 22.10
C ASN A 334 -2.18 -15.17 22.53
N ASN A 335 -3.29 -14.79 23.16
CA ASN A 335 -4.23 -15.78 23.63
C ASN A 335 -5.04 -16.46 22.53
N SER A 336 -5.67 -17.57 22.89
CA SER A 336 -6.49 -18.33 21.95
C SER A 336 -7.62 -17.46 21.42
N ASN A 337 -8.16 -16.61 22.27
CA ASN A 337 -9.26 -15.74 21.89
C ASN A 337 -8.82 -14.28 21.78
N SER A 338 -7.58 -14.06 21.33
CA SER A 338 -7.05 -12.71 21.20
C SER A 338 -7.85 -11.98 20.12
N VAL A 339 -7.80 -10.66 20.13
CA VAL A 339 -8.51 -9.86 19.14
C VAL A 339 -8.05 -10.21 17.72
N ALA A 340 -6.74 -10.23 17.51
CA ALA A 340 -6.19 -10.53 16.19
C ALA A 340 -6.59 -11.90 15.66
N LYS A 341 -6.56 -12.91 16.52
CA LYS A 341 -6.92 -14.27 16.13
C LYS A 341 -8.43 -14.44 15.94
N THR A 342 -9.21 -13.80 16.80
CA THR A 342 -10.67 -13.88 16.74
C THR A 342 -11.23 -13.63 15.34
N TYR A 343 -10.88 -12.49 14.73
CA TYR A 343 -11.41 -12.19 13.41
C TYR A 343 -10.73 -12.95 12.27
N LEU A 344 -9.53 -13.47 12.51
CA LEU A 344 -8.84 -14.24 11.48
C LEU A 344 -9.34 -15.68 11.46
N ASN A 345 -10.05 -16.06 12.52
CA ASN A 345 -10.62 -17.40 12.68
C ASN A 345 -12.10 -17.41 12.33
N PRO A 346 -12.65 -18.59 12.00
CA PRO A 346 -14.07 -18.65 11.67
C PRO A 346 -14.83 -18.33 12.95
N PRO A 347 -16.11 -17.93 12.84
CA PRO A 347 -16.88 -17.78 11.61
C PRO A 347 -16.64 -16.45 10.90
N TYR A 348 -15.49 -15.81 11.17
CA TYR A 348 -15.18 -14.54 10.54
C TYR A 348 -14.21 -14.69 9.38
N SER A 349 -13.01 -15.20 9.67
CA SER A 349 -12.01 -15.41 8.63
C SER A 349 -11.72 -14.18 7.77
N VAL A 350 -11.45 -13.05 8.40
CA VAL A 350 -11.13 -11.85 7.63
C VAL A 350 -9.77 -12.12 7.01
N ASP A 351 -9.34 -11.28 6.09
CA ASP A 351 -8.07 -11.53 5.41
C ASP A 351 -6.88 -10.66 5.76
N GLY A 352 -7.01 -9.81 6.77
CA GLY A 352 -5.88 -8.97 7.14
C GLY A 352 -6.17 -7.82 8.06
N TRP A 353 -5.10 -7.17 8.53
CA TRP A 353 -5.21 -6.02 9.42
C TRP A 353 -4.39 -4.82 8.97
N ARG A 354 -4.97 -3.63 9.08
CA ARG A 354 -4.26 -2.39 8.77
C ARG A 354 -3.95 -1.88 10.17
N LEU A 355 -2.68 -1.69 10.47
CA LEU A 355 -2.26 -1.27 11.81
C LEU A 355 -2.26 0.23 12.06
N ASN A 356 -3.25 0.69 12.84
CA ASN A 356 -3.39 2.11 13.18
C ASN A 356 -2.29 2.59 14.13
N ALA A 357 -1.78 3.78 13.88
CA ALA A 357 -0.74 4.38 14.71
C ALA A 357 0.31 3.34 15.11
N ALA A 358 0.59 2.43 14.20
CA ALA A 358 1.52 1.34 14.45
C ALA A 358 2.89 1.74 15.00
N GLN A 359 3.36 2.94 14.67
CA GLN A 359 4.68 3.36 15.14
C GLN A 359 4.79 3.67 16.62
N TYR A 360 3.66 3.96 17.27
CA TYR A 360 3.66 4.30 18.70
C TYR A 360 3.48 3.15 19.67
N VAL A 361 2.98 2.01 19.19
CA VAL A 361 2.76 0.86 20.05
C VAL A 361 4.02 0.62 20.89
N ASP A 362 3.86 0.64 22.21
CA ASP A 362 4.99 0.45 23.10
C ASP A 362 4.56 -0.02 24.48
N ALA A 363 5.53 -0.09 25.37
CA ALA A 363 5.31 -0.48 26.74
C ALA A 363 5.57 0.73 27.62
N ASN A 364 4.96 0.75 28.80
CA ASN A 364 5.13 1.83 29.75
C ASN A 364 4.89 3.24 29.22
N GLY A 365 4.02 3.37 28.23
CA GLY A 365 3.70 4.68 27.70
C GLY A 365 4.72 5.28 26.73
N ASN A 366 5.76 4.53 26.37
CA ASN A 366 6.78 5.03 25.44
C ASN A 366 6.18 5.39 24.08
N ASN A 367 6.91 6.17 23.31
CA ASN A 367 6.44 6.64 22.00
C ASN A 367 6.65 5.72 20.80
N GLY A 368 7.21 4.55 21.03
CA GLY A 368 7.42 3.62 19.92
C GLY A 368 8.69 3.91 19.15
N SER A 369 8.76 3.40 17.92
CA SER A 369 9.93 3.60 17.07
C SER A 369 11.19 3.19 17.83
N ASP A 370 11.08 2.08 18.57
CA ASP A 370 12.19 1.57 19.37
C ASP A 370 12.21 0.04 19.35
N VAL A 371 13.17 -0.55 20.05
CA VAL A 371 13.31 -2.00 20.10
C VAL A 371 12.06 -2.72 20.59
N THR A 372 11.40 -2.18 21.61
CA THR A 372 10.20 -2.80 22.14
C THR A 372 9.10 -2.80 21.09
N ASN A 373 8.88 -1.65 20.45
CA ASN A 373 7.87 -1.53 19.41
C ASN A 373 8.10 -2.58 18.33
N HIS A 374 9.33 -2.67 17.84
CA HIS A 374 9.63 -3.64 16.80
C HIS A 374 9.48 -5.07 17.29
N GLN A 375 9.77 -5.29 18.57
CA GLN A 375 9.63 -6.62 19.16
C GLN A 375 8.16 -7.02 19.20
N ILE A 376 7.29 -6.07 19.57
CA ILE A 376 5.87 -6.36 19.64
C ILE A 376 5.31 -6.72 18.26
N TRP A 377 5.68 -5.98 17.23
CA TRP A 377 5.20 -6.28 15.89
C TRP A 377 5.76 -7.61 15.40
N SER A 378 6.91 -8.02 15.95
CA SER A 378 7.50 -9.30 15.56
C SER A 378 6.62 -10.44 16.08
N GLU A 379 6.17 -10.29 17.34
CA GLU A 379 5.33 -11.31 17.95
C GLU A 379 3.96 -11.32 17.29
N PHE A 380 3.49 -10.13 16.91
CA PHE A 380 2.19 -9.96 16.27
C PHE A 380 2.17 -10.67 14.91
N ARG A 381 3.25 -10.50 14.14
CA ARG A 381 3.34 -11.14 12.84
C ARG A 381 3.35 -12.64 13.00
N ASN A 382 4.14 -13.11 13.97
CA ASN A 382 4.26 -14.53 14.24
C ASN A 382 2.91 -15.15 14.56
N ALA A 383 2.09 -14.42 15.33
CA ALA A 383 0.77 -14.88 15.71
C ALA A 383 -0.19 -14.87 14.52
N VAL A 384 -0.26 -13.74 13.82
CA VAL A 384 -1.15 -13.61 12.67
C VAL A 384 -0.82 -14.63 11.58
N LYS A 385 0.46 -14.74 11.24
CA LYS A 385 0.87 -15.69 10.21
C LYS A 385 0.62 -17.11 10.67
N GLY A 386 0.67 -17.33 11.98
CA GLY A 386 0.43 -18.66 12.51
C GLY A 386 -1.01 -19.07 12.22
N VAL A 387 -1.94 -18.17 12.48
CA VAL A 387 -3.36 -18.43 12.26
C VAL A 387 -3.69 -18.56 10.78
N ASN A 388 -3.13 -17.65 9.97
CA ASN A 388 -3.36 -17.63 8.52
C ASN A 388 -2.13 -17.03 7.84
N SER A 389 -1.29 -17.88 7.27
CA SER A 389 -0.07 -17.43 6.60
C SER A 389 -0.36 -16.46 5.44
N ASN A 390 -1.63 -16.37 5.04
CA ASN A 390 -2.02 -15.48 3.95
C ASN A 390 -2.82 -14.27 4.44
N ALA A 391 -2.71 -13.96 5.73
CA ALA A 391 -3.40 -12.82 6.30
C ALA A 391 -2.44 -11.63 6.18
N ALA A 392 -2.93 -10.54 5.58
CA ALA A 392 -2.12 -9.34 5.36
C ALA A 392 -1.92 -8.45 6.58
N ILE A 393 -0.76 -7.82 6.64
CA ILE A 393 -0.40 -6.92 7.73
C ILE A 393 0.19 -5.65 7.12
N ILE A 394 -0.56 -4.55 7.20
CA ILE A 394 -0.13 -3.27 6.65
C ILE A 394 -0.13 -2.21 7.74
N GLY A 395 1.05 -1.67 8.04
CA GLY A 395 1.14 -0.66 9.07
C GLY A 395 1.04 0.77 8.57
N GLN A 396 0.44 1.64 9.39
CA GLN A 396 0.31 3.04 9.03
C GLN A 396 1.63 3.73 9.36
N TYR A 397 2.18 4.44 8.39
CA TYR A 397 3.44 5.17 8.56
C TYR A 397 3.54 6.18 7.42
N TRP A 398 3.97 7.38 7.74
CA TRP A 398 4.08 8.45 6.74
C TRP A 398 5.44 8.58 6.05
N GLY A 399 6.51 8.09 6.68
CA GLY A 399 7.82 8.19 6.08
C GLY A 399 8.37 6.87 5.54
N ASN A 400 9.68 6.70 5.66
CA ASN A 400 10.38 5.49 5.21
C ASN A 400 10.11 4.37 6.22
N ALA A 401 9.27 3.40 5.82
CA ALA A 401 8.91 2.29 6.72
C ALA A 401 9.87 1.12 6.74
N ASN A 402 11.06 1.33 6.18
CA ASN A 402 12.09 0.30 6.14
C ASN A 402 12.29 -0.47 7.45
N PRO A 403 12.35 0.24 8.59
CA PRO A 403 12.54 -0.44 9.88
C PRO A 403 11.50 -1.51 10.27
N TRP A 404 10.28 -1.37 9.75
CA TRP A 404 9.19 -2.31 10.06
C TRP A 404 8.93 -3.30 8.92
N THR A 405 9.76 -3.25 7.88
CA THR A 405 9.56 -4.13 6.73
C THR A 405 10.81 -4.87 6.28
N ALA A 406 11.90 -4.13 6.10
CA ALA A 406 13.17 -4.70 5.64
C ALA A 406 13.78 -5.77 6.54
N GLN A 407 13.22 -6.00 7.72
CA GLN A 407 13.75 -7.02 8.63
C GLN A 407 13.06 -8.35 8.37
N GLY A 408 11.99 -8.31 7.58
CA GLY A 408 11.25 -9.51 7.25
C GLY A 408 10.55 -10.21 8.41
N ASN A 409 10.41 -9.52 9.53
CA ASN A 409 9.77 -10.12 10.70
C ASN A 409 8.61 -9.32 11.28
N GLN A 410 8.14 -8.30 10.57
CA GLN A 410 7.04 -7.50 11.09
C GLN A 410 5.89 -7.28 10.10
N TRP A 411 5.83 -6.14 9.40
CA TRP A 411 4.72 -5.92 8.47
C TRP A 411 5.01 -6.41 7.06
N ASP A 412 3.96 -6.67 6.29
CA ASP A 412 4.12 -7.09 4.91
C ASP A 412 4.34 -5.86 4.04
N ALA A 413 3.79 -4.72 4.48
CA ALA A 413 3.90 -3.46 3.76
C ALA A 413 3.34 -2.33 4.61
N ALA A 414 3.21 -1.14 4.02
CA ALA A 414 2.69 0.00 4.76
C ALA A 414 1.89 0.96 3.89
N THR A 415 1.22 1.91 4.54
CA THR A 415 0.47 2.94 3.83
C THR A 415 1.58 3.72 3.12
N ASN A 416 1.58 3.66 1.79
CA ASN A 416 2.65 4.29 1.02
C ASN A 416 2.63 5.81 0.80
N PHE A 417 2.51 6.58 1.88
CA PHE A 417 2.50 8.03 1.75
C PHE A 417 3.78 8.55 1.08
N ASP A 418 4.92 8.12 1.60
CA ASP A 418 6.23 8.57 1.13
C ASP A 418 6.67 8.04 -0.24
N GLY A 419 6.26 6.83 -0.59
CA GLY A 419 6.66 6.27 -1.87
C GLY A 419 5.63 6.33 -2.98
N PHE A 420 4.43 6.83 -2.69
CA PHE A 420 3.40 6.89 -3.72
C PHE A 420 2.51 8.14 -3.65
N THR A 421 1.73 8.26 -2.59
CA THR A 421 0.81 9.39 -2.45
C THR A 421 1.43 10.77 -2.65
N GLN A 422 2.50 11.05 -1.91
CA GLN A 422 3.16 12.35 -1.99
C GLN A 422 3.76 12.65 -3.37
N PRO A 423 4.66 11.77 -3.87
CA PRO A 423 5.25 12.05 -5.19
C PRO A 423 4.21 12.17 -6.31
N VAL A 424 3.22 11.28 -6.32
CA VAL A 424 2.19 11.33 -7.34
C VAL A 424 1.48 12.67 -7.26
N SER A 425 1.16 13.10 -6.05
CA SER A 425 0.47 14.36 -5.83
C SER A 425 1.28 15.56 -6.31
N GLU A 426 2.55 15.62 -5.92
CA GLU A 426 3.40 16.74 -6.32
C GLU A 426 3.69 16.78 -7.82
N TRP A 427 3.71 15.63 -8.48
CA TRP A 427 3.98 15.59 -9.91
C TRP A 427 2.77 16.03 -10.72
N ILE A 428 1.62 15.46 -10.39
CA ILE A 428 0.40 15.76 -11.12
C ILE A 428 -0.38 17.00 -10.68
N THR A 429 -0.70 17.10 -9.40
CA THR A 429 -1.46 18.25 -8.90
C THR A 429 -0.60 19.44 -8.53
N GLY A 430 0.68 19.21 -8.29
CA GLY A 430 1.56 20.29 -7.91
C GLY A 430 1.38 20.74 -6.47
N LYS A 431 0.74 19.90 -5.67
CA LYS A 431 0.50 20.18 -4.25
C LYS A 431 0.98 18.97 -3.45
N ASP A 432 1.24 19.16 -2.16
CA ASP A 432 1.61 18.02 -1.33
C ASP A 432 0.24 17.45 -0.93
N TYR A 433 0.18 16.27 -0.31
CA TYR A 433 -1.15 15.73 0.00
C TYR A 433 -1.99 16.53 0.99
N GLN A 434 -1.44 17.59 1.57
CA GLN A 434 -2.17 18.44 2.50
C GLN A 434 -2.69 19.68 1.77
N ASN A 435 -2.46 19.69 0.46
CA ASN A 435 -2.87 20.78 -0.43
C ASN A 435 -2.05 22.06 -0.36
N ASN A 436 -0.80 21.96 0.11
CA ASN A 436 0.09 23.11 0.14
C ASN A 436 0.78 23.02 -1.23
N SER A 437 1.11 24.16 -1.84
CA SER A 437 1.76 24.12 -3.14
C SER A 437 3.14 23.46 -3.04
N ALA A 438 3.40 22.51 -3.93
CA ALA A 438 4.67 21.79 -3.96
C ALA A 438 4.67 20.91 -5.21
N SER A 439 5.60 21.20 -6.11
CA SER A 439 5.67 20.48 -7.38
C SER A 439 7.03 19.86 -7.68
N ILE A 440 7.03 18.83 -8.53
CA ILE A 440 8.26 18.17 -8.95
C ILE A 440 8.18 17.81 -10.43
N SER A 441 9.33 17.81 -11.11
CA SER A 441 9.38 17.49 -12.53
C SER A 441 9.23 15.99 -12.74
N THR A 442 9.18 15.58 -14.01
CA THR A 442 9.03 14.17 -14.35
C THR A 442 10.27 13.37 -13.93
N THR A 443 11.46 13.93 -14.12
CA THR A 443 12.69 13.25 -13.75
C THR A 443 12.78 13.08 -12.22
N GLN A 444 12.36 14.12 -11.50
CA GLN A 444 12.35 14.10 -10.04
C GLN A 444 11.31 13.09 -9.55
N PHE A 445 10.22 12.95 -10.31
CA PHE A 445 9.15 12.01 -9.97
C PHE A 445 9.70 10.58 -10.07
N ASP A 446 10.35 10.29 -11.19
CA ASP A 446 10.94 8.97 -11.44
C ASP A 446 12.02 8.64 -10.40
N SER A 447 12.81 9.65 -10.04
CA SER A 447 13.87 9.49 -9.07
C SER A 447 13.31 9.22 -7.67
N TRP A 448 12.30 10.01 -7.29
CA TRP A 448 11.65 9.89 -6.00
C TRP A 448 11.11 8.47 -5.88
N LEU A 449 10.35 8.05 -6.89
CA LEU A 449 9.76 6.72 -6.94
C LEU A 449 10.79 5.60 -6.79
N ARG A 450 11.92 5.73 -7.48
CA ARG A 450 12.96 4.71 -7.42
C ARG A 450 13.67 4.70 -6.06
N GLY A 451 13.98 5.88 -5.55
CA GLY A 451 14.66 5.97 -4.27
C GLY A 451 13.84 5.40 -3.13
N THR A 452 12.53 5.61 -3.18
CA THR A 452 11.67 5.08 -2.13
C THR A 452 11.44 3.58 -2.32
N ARG A 453 11.36 3.13 -3.57
CA ARG A 453 11.20 1.69 -3.80
C ARG A 453 12.43 1.01 -3.19
N ALA A 454 13.59 1.64 -3.40
CA ALA A 454 14.86 1.10 -2.90
C ALA A 454 14.91 0.99 -1.39
N ASN A 455 13.94 1.60 -0.70
CA ASN A 455 13.89 1.51 0.74
C ASN A 455 13.31 0.16 1.16
N TYR A 456 12.73 -0.56 0.21
CA TYR A 456 12.09 -1.82 0.54
C TYR A 456 12.47 -3.04 -0.29
N PRO A 457 12.22 -4.22 0.26
CA PRO A 457 12.52 -5.48 -0.45
C PRO A 457 11.47 -5.50 -1.56
N THR A 458 11.70 -6.29 -2.59
CA THR A 458 10.76 -6.37 -3.70
C THR A 458 9.33 -6.77 -3.33
N ASN A 459 9.15 -7.83 -2.55
CA ASN A 459 7.79 -8.24 -2.18
C ASN A 459 7.05 -7.16 -1.41
N VAL A 460 7.77 -6.38 -0.61
CA VAL A 460 7.17 -5.30 0.15
C VAL A 460 6.70 -4.21 -0.81
N GLN A 461 7.52 -3.94 -1.84
CA GLN A 461 7.18 -2.92 -2.84
C GLN A 461 5.87 -3.31 -3.52
N GLN A 462 5.78 -4.57 -3.92
CA GLN A 462 4.60 -5.10 -4.61
C GLN A 462 3.37 -5.19 -3.70
N SER A 463 3.57 -5.02 -2.40
CA SER A 463 2.46 -5.13 -1.45
C SER A 463 2.04 -3.80 -0.81
N MET A 464 2.73 -2.72 -1.16
CA MET A 464 2.42 -1.42 -0.58
C MET A 464 1.01 -0.96 -0.90
N MET A 465 0.37 -0.28 0.05
CA MET A 465 -0.98 0.23 -0.16
C MET A 465 -0.81 1.58 -0.84
N ASN A 466 -1.07 1.62 -2.15
CA ASN A 466 -0.93 2.84 -2.94
C ASN A 466 -2.24 3.55 -3.21
N PHE A 467 -2.54 4.58 -2.43
CA PHE A 467 -3.79 5.33 -2.61
C PHE A 467 -3.53 6.79 -3.01
N LEU A 468 -4.43 7.37 -3.78
CA LEU A 468 -4.29 8.77 -4.20
C LEU A 468 -4.67 9.69 -3.04
N SER A 469 -5.58 9.20 -2.19
CA SER A 469 -6.04 9.95 -1.04
C SER A 469 -6.56 8.96 0.00
N ASN A 470 -6.74 9.43 1.23
CA ASN A 470 -7.30 8.57 2.27
C ASN A 470 -7.97 9.48 3.30
N HIS A 471 -8.48 8.89 4.38
CA HIS A 471 -9.19 9.64 5.41
C HIS A 471 -8.41 10.67 6.23
N ASP A 472 -7.09 10.73 6.11
CA ASP A 472 -6.32 11.70 6.89
C ASP A 472 -5.73 12.84 6.08
N ILE A 473 -5.97 12.85 4.77
CA ILE A 473 -5.43 13.91 3.92
C ILE A 473 -6.50 14.48 2.98
N THR A 474 -6.17 15.57 2.28
CA THR A 474 -7.14 16.19 1.36
C THR A 474 -7.38 15.29 0.16
N ARG A 475 -8.54 15.44 -0.48
CA ARG A 475 -8.88 14.65 -1.65
C ARG A 475 -8.04 15.06 -2.88
N PHE A 476 -7.72 14.07 -3.72
CA PHE A 476 -6.94 14.31 -4.92
C PHE A 476 -7.65 15.31 -5.85
N ALA A 477 -8.96 15.14 -6.04
CA ALA A 477 -9.74 16.01 -6.91
C ALA A 477 -9.78 17.45 -6.41
N THR A 478 -9.59 17.64 -5.11
CA THR A 478 -9.55 19.00 -4.56
C THR A 478 -8.16 19.57 -4.84
N ARG A 479 -7.13 18.75 -4.62
CA ARG A 479 -5.76 19.19 -4.89
C ARG A 479 -5.60 19.49 -6.39
N SER A 480 -6.39 18.80 -7.20
CA SER A 480 -6.38 18.98 -8.66
C SER A 480 -7.20 20.19 -9.13
N GLY A 481 -7.91 20.83 -8.20
CA GLY A 481 -8.72 21.97 -8.59
C GLY A 481 -9.90 21.57 -9.46
N GLY A 482 -10.31 20.32 -9.37
CA GLY A 482 -11.44 19.87 -10.16
C GLY A 482 -11.10 19.41 -11.56
N ASP A 483 -9.80 19.34 -11.86
CA ASP A 483 -9.35 18.90 -13.18
C ASP A 483 -9.44 17.38 -13.18
N LEU A 484 -10.55 16.85 -13.71
CA LEU A 484 -10.79 15.42 -13.77
C LEU A 484 -9.74 14.63 -14.54
N TRP A 485 -9.15 15.26 -15.56
CA TRP A 485 -8.13 14.56 -16.33
C TRP A 485 -6.93 14.25 -15.45
N LYS A 486 -6.67 15.10 -14.46
CA LYS A 486 -5.55 14.83 -13.57
C LYS A 486 -5.85 13.52 -12.85
N THR A 487 -7.13 13.26 -12.60
CA THR A 487 -7.52 12.01 -11.98
C THR A 487 -7.31 10.87 -12.98
N TYR A 488 -7.57 11.14 -14.26
CA TYR A 488 -7.37 10.16 -15.33
C TYR A 488 -5.93 9.66 -15.27
N LEU A 489 -4.99 10.59 -15.35
CA LEU A 489 -3.56 10.28 -15.33
C LEU A 489 -3.14 9.53 -14.07
N ALA A 490 -3.57 10.04 -12.92
CA ALA A 490 -3.27 9.42 -11.63
C ALA A 490 -3.72 7.96 -11.61
N LEU A 491 -4.90 7.71 -12.17
CA LEU A 491 -5.45 6.36 -12.23
C LEU A 491 -4.62 5.45 -13.13
N ILE A 492 -4.23 5.96 -14.28
CA ILE A 492 -3.43 5.16 -15.21
C ILE A 492 -2.11 4.79 -14.54
N PHE A 493 -1.42 5.77 -13.96
CA PHE A 493 -0.17 5.49 -13.27
C PHE A 493 -0.39 4.47 -12.16
N GLN A 494 -1.37 4.76 -11.29
CA GLN A 494 -1.71 3.89 -10.17
C GLN A 494 -1.96 2.44 -10.57
N MET A 495 -2.80 2.24 -11.59
CA MET A 495 -3.13 0.90 -12.04
C MET A 495 -2.00 0.16 -12.77
N THR A 496 -0.90 0.85 -13.05
CA THR A 496 0.23 0.22 -13.73
C THR A 496 1.55 0.29 -12.95
N TYR A 497 1.50 0.78 -11.72
CA TYR A 497 2.72 0.88 -10.92
C TYR A 497 2.95 -0.32 -10.00
N VAL A 498 4.01 -0.26 -9.21
CA VAL A 498 4.36 -1.33 -8.29
C VAL A 498 3.67 -1.08 -6.96
N GLY A 499 2.91 -2.07 -6.49
CA GLY A 499 2.20 -1.93 -5.24
C GLY A 499 0.71 -2.08 -5.49
N THR A 500 -0.05 -2.37 -4.43
CA THR A 500 -1.49 -2.57 -4.53
C THR A 500 -2.28 -1.28 -4.78
N PRO A 501 -2.96 -1.19 -5.94
CA PRO A 501 -3.73 0.02 -6.22
C PRO A 501 -4.84 0.07 -5.20
N THR A 502 -4.99 1.21 -4.53
CA THR A 502 -6.01 1.37 -3.50
C THR A 502 -6.88 2.59 -3.75
N ILE A 503 -8.16 2.36 -3.99
CA ILE A 503 -9.11 3.43 -4.27
C ILE A 503 -9.86 3.86 -3.00
N TYR A 504 -9.67 5.10 -2.59
CA TYR A 504 -10.37 5.62 -1.42
C TYR A 504 -11.76 5.98 -1.95
N TYR A 505 -12.80 5.31 -1.43
CA TYR A 505 -14.17 5.51 -1.89
C TYR A 505 -14.46 6.93 -2.37
N GLY A 506 -14.92 7.05 -3.61
CA GLY A 506 -15.22 8.37 -4.17
C GLY A 506 -14.20 8.87 -5.18
N ASP A 507 -12.92 8.57 -4.95
CA ASP A 507 -11.87 9.03 -5.86
C ASP A 507 -12.11 8.55 -7.29
N GLU A 508 -12.78 7.41 -7.45
CA GLU A 508 -13.03 6.87 -8.78
C GLU A 508 -13.92 7.77 -9.62
N TYR A 509 -14.70 8.64 -8.99
CA TYR A 509 -15.57 9.54 -9.76
C TYR A 509 -15.17 11.00 -9.65
N GLY A 510 -14.11 11.27 -8.90
CA GLY A 510 -13.65 12.64 -8.74
C GLY A 510 -14.16 13.38 -7.52
N MET A 511 -14.57 12.65 -6.48
CA MET A 511 -15.07 13.29 -5.27
C MET A 511 -14.05 14.28 -4.71
N GLN A 512 -14.51 15.45 -4.29
CA GLN A 512 -13.63 16.46 -3.73
C GLN A 512 -13.71 16.46 -2.22
N GLY A 513 -12.89 17.30 -1.59
CA GLY A 513 -12.90 17.39 -0.15
C GLY A 513 -11.59 17.92 0.40
N GLY A 514 -11.68 18.76 1.41
CA GLY A 514 -10.48 19.34 2.02
C GLY A 514 -10.00 18.46 3.15
N ALA A 515 -9.43 19.08 4.18
CA ALA A 515 -8.91 18.33 5.32
C ALA A 515 -9.99 17.79 6.24
N ASP A 516 -9.63 16.76 6.98
CA ASP A 516 -10.50 16.10 7.96
C ASP A 516 -11.38 17.16 8.63
N PRO A 517 -12.71 16.95 8.67
CA PRO A 517 -13.46 15.81 8.16
C PRO A 517 -14.03 15.94 6.74
N ASP A 518 -13.68 17.01 6.04
CA ASP A 518 -14.24 17.18 4.70
C ASP A 518 -13.74 16.14 3.70
N ASN A 519 -12.77 15.32 4.12
CA ASN A 519 -12.25 14.26 3.25
C ASN A 519 -13.06 12.98 3.44
N ARG A 520 -14.16 13.08 4.17
CA ARG A 520 -15.02 11.93 4.44
C ARG A 520 -16.49 12.21 4.08
N ARG A 521 -16.70 12.84 2.94
CA ARG A 521 -18.06 13.18 2.47
C ARG A 521 -18.88 11.95 2.13
N SER A 522 -20.21 12.11 2.14
CA SER A 522 -21.10 11.01 1.81
C SER A 522 -20.95 10.74 0.30
N PHE A 523 -20.96 9.46 -0.06
CA PHE A 523 -20.79 9.05 -1.44
C PHE A 523 -22.00 9.41 -2.30
N ASP A 524 -21.76 10.15 -3.39
CA ASP A 524 -22.81 10.56 -4.31
C ASP A 524 -23.07 9.45 -5.32
N TRP A 525 -24.04 8.60 -5.04
CA TRP A 525 -24.36 7.48 -5.91
C TRP A 525 -24.85 7.79 -7.32
N SER A 526 -25.28 9.01 -7.57
CA SER A 526 -25.73 9.34 -8.92
C SER A 526 -24.50 9.40 -9.83
N GLN A 527 -23.32 9.33 -9.20
CA GLN A 527 -22.06 9.41 -9.91
C GLN A 527 -21.47 8.03 -10.20
N ALA A 528 -22.05 7.00 -9.58
CA ALA A 528 -21.56 5.64 -9.73
C ALA A 528 -21.95 4.90 -11.00
N THR A 529 -21.70 5.49 -12.16
CA THR A 529 -22.02 4.82 -13.43
C THR A 529 -21.03 5.26 -14.49
N PRO A 530 -20.89 4.47 -15.57
CA PRO A 530 -19.97 4.78 -16.67
C PRO A 530 -20.17 6.19 -17.23
N SER A 531 -21.32 6.80 -16.95
CA SER A 531 -21.60 8.16 -17.41
C SER A 531 -20.52 9.09 -16.86
N ASN A 532 -19.98 8.74 -15.69
CA ASN A 532 -18.91 9.53 -15.11
C ASN A 532 -17.67 8.97 -15.80
N SER A 533 -16.96 9.81 -16.54
CA SER A 533 -15.80 9.36 -17.29
C SER A 533 -14.67 8.75 -16.45
N ALA A 534 -14.52 9.20 -15.21
CA ALA A 534 -13.46 8.65 -14.34
C ALA A 534 -13.84 7.25 -13.89
N VAL A 535 -15.13 7.04 -13.63
CA VAL A 535 -15.62 5.72 -13.23
C VAL A 535 -15.43 4.75 -14.39
N ALA A 536 -15.73 5.22 -15.61
CA ALA A 536 -15.60 4.39 -16.80
C ALA A 536 -14.14 4.01 -17.03
N LEU A 537 -13.22 4.95 -16.80
CA LEU A 537 -11.79 4.67 -16.98
C LEU A 537 -11.32 3.68 -15.92
N THR A 538 -11.73 3.91 -14.67
CA THR A 538 -11.35 3.04 -13.57
C THR A 538 -11.70 1.59 -13.88
N GLN A 539 -12.94 1.36 -14.33
CA GLN A 539 -13.40 0.01 -14.66
C GLN A 539 -12.49 -0.64 -15.70
N LYS A 540 -12.13 0.12 -16.72
CA LYS A 540 -11.26 -0.38 -17.78
C LYS A 540 -9.85 -0.68 -17.28
N LEU A 541 -9.27 0.23 -16.49
CA LEU A 541 -7.91 0.03 -15.99
C LEU A 541 -7.79 -1.18 -15.07
N ILE A 542 -8.79 -1.40 -14.22
CA ILE A 542 -8.77 -2.54 -13.30
C ILE A 542 -8.78 -3.85 -14.08
N THR A 543 -9.57 -3.88 -15.15
CA THR A 543 -9.65 -5.07 -16.00
C THR A 543 -8.28 -5.33 -16.63
N ILE A 544 -7.58 -4.26 -16.98
CA ILE A 544 -6.25 -4.40 -17.58
C ILE A 544 -5.23 -4.95 -16.58
N ARG A 545 -5.22 -4.40 -15.37
CA ARG A 545 -4.26 -4.88 -14.37
C ARG A 545 -4.59 -6.32 -13.95
N ASN A 546 -5.87 -6.65 -13.85
CA ASN A 546 -6.27 -8.02 -13.48
C ASN A 546 -5.82 -8.98 -14.58
N GLN A 547 -5.61 -8.44 -15.77
CA GLN A 547 -5.21 -9.20 -16.94
C GLN A 547 -3.71 -9.49 -17.10
N TYR A 548 -2.86 -8.57 -16.64
CA TYR A 548 -1.42 -8.76 -16.78
C TYR A 548 -0.62 -8.91 -15.49
N PRO A 549 -0.12 -10.13 -15.21
CA PRO A 549 0.67 -10.36 -14.01
C PRO A 549 1.89 -9.44 -13.96
N ALA A 550 2.39 -9.06 -15.14
CA ALA A 550 3.54 -8.19 -15.26
C ALA A 550 3.36 -6.84 -14.58
N LEU A 551 2.13 -6.34 -14.54
CA LEU A 551 1.86 -5.05 -13.90
C LEU A 551 1.87 -5.16 -12.38
N ARG A 552 1.70 -6.38 -11.88
CA ARG A 552 1.67 -6.62 -10.45
C ARG A 552 2.99 -7.14 -9.88
N THR A 553 3.67 -8.02 -10.61
CA THR A 553 4.94 -8.59 -10.14
C THR A 553 6.06 -8.60 -11.16
N GLY A 554 5.89 -7.85 -12.25
CA GLY A 554 6.93 -7.81 -13.26
C GLY A 554 8.00 -6.79 -12.90
N SER A 555 9.07 -6.75 -13.69
CA SER A 555 10.14 -5.80 -13.45
C SER A 555 9.67 -4.40 -13.79
N PHE A 556 10.45 -3.41 -13.37
CA PHE A 556 10.14 -2.01 -13.64
C PHE A 556 11.41 -1.37 -14.19
N MET A 557 11.30 -0.78 -15.38
CA MET A 557 12.43 -0.12 -16.02
C MET A 557 12.02 1.25 -16.55
N THR A 558 12.78 2.28 -16.18
CA THR A 558 12.49 3.63 -16.65
C THR A 558 12.92 3.70 -18.11
N LEU A 559 12.04 4.20 -18.98
CA LEU A 559 12.34 4.31 -20.41
C LEU A 559 12.49 5.74 -20.89
N ILE A 560 11.61 6.62 -20.44
CA ILE A 560 11.66 8.03 -20.83
C ILE A 560 11.32 8.99 -19.69
N THR A 561 12.18 9.97 -19.49
CA THR A 561 11.95 11.02 -18.49
C THR A 561 12.29 12.33 -19.20
N ASP A 562 11.30 12.84 -19.92
CA ASP A 562 11.39 14.07 -20.73
C ASP A 562 10.67 15.24 -20.06
N ASP A 563 11.44 16.16 -19.47
CA ASP A 563 10.86 17.32 -18.78
C ASP A 563 10.45 18.45 -19.70
N THR A 564 10.87 18.38 -20.97
CA THR A 564 10.50 19.41 -21.93
C THR A 564 9.04 19.19 -22.35
N ASN A 565 8.73 17.95 -22.72
CA ASN A 565 7.38 17.60 -23.17
C ASN A 565 6.51 16.93 -22.12
N LYS A 566 7.04 16.80 -20.91
CA LYS A 566 6.31 16.18 -19.80
C LYS A 566 5.95 14.73 -20.09
N ILE A 567 6.86 13.98 -20.71
CA ILE A 567 6.61 12.57 -21.02
C ILE A 567 7.32 11.65 -20.03
N TYR A 568 6.58 10.71 -19.46
CA TYR A 568 7.14 9.73 -18.53
C TYR A 568 6.78 8.35 -19.04
N SER A 569 7.79 7.56 -19.39
CA SER A 569 7.54 6.21 -19.88
C SER A 569 8.37 5.19 -19.11
N TYR A 570 7.75 4.06 -18.79
CA TYR A 570 8.42 2.99 -18.07
C TYR A 570 7.87 1.64 -18.49
N GLY A 571 8.70 0.60 -18.36
CA GLY A 571 8.26 -0.72 -18.73
C GLY A 571 8.00 -1.63 -17.56
N ARG A 572 7.03 -2.51 -17.73
CA ARG A 572 6.66 -3.51 -16.73
C ARG A 572 6.66 -4.79 -17.56
N PHE A 573 7.47 -5.77 -17.16
CA PHE A 573 7.56 -6.98 -17.97
C PHE A 573 8.02 -8.22 -17.21
N ASP A 574 7.62 -9.36 -17.73
CA ASP A 574 8.03 -10.66 -17.18
C ASP A 574 8.39 -11.55 -18.36
N ASN A 575 8.46 -12.85 -18.13
CA ASN A 575 8.84 -13.79 -19.20
C ASN A 575 7.84 -13.86 -20.36
N VAL A 576 6.60 -13.51 -20.10
CA VAL A 576 5.57 -13.58 -21.13
C VAL A 576 5.22 -12.24 -21.77
N ASN A 577 4.88 -11.27 -20.94
CA ASN A 577 4.46 -9.97 -21.43
C ASN A 577 5.45 -8.83 -21.24
N ARG A 578 5.40 -7.89 -22.18
CA ARG A 578 6.25 -6.72 -22.14
C ARG A 578 5.30 -5.55 -22.33
N ILE A 579 5.32 -4.63 -21.37
CA ILE A 579 4.44 -3.47 -21.41
C ILE A 579 5.16 -2.14 -21.27
N ALA A 580 4.94 -1.24 -22.22
CA ALA A 580 5.53 0.09 -22.18
C ALA A 580 4.43 1.09 -21.90
N VAL A 581 4.45 1.69 -20.71
CA VAL A 581 3.45 2.68 -20.36
C VAL A 581 4.01 4.03 -20.74
N VAL A 582 3.20 4.83 -21.45
CA VAL A 582 3.61 6.16 -21.89
C VAL A 582 2.63 7.21 -21.36
N LEU A 583 3.10 8.02 -20.43
CA LEU A 583 2.25 9.06 -19.84
C LEU A 583 2.65 10.46 -20.29
N ASN A 584 1.67 11.34 -20.33
CA ASN A 584 1.86 12.73 -20.69
C ASN A 584 1.24 13.53 -19.54
N ASN A 585 2.07 14.28 -18.84
CA ASN A 585 1.62 15.05 -17.70
C ASN A 585 0.95 16.38 -18.03
N ASP A 586 1.63 17.50 -17.74
CA ASP A 586 1.01 18.80 -17.94
C ASP A 586 1.58 19.50 -19.17
N SER A 587 1.08 19.05 -20.32
CA SER A 587 1.49 19.55 -21.62
C SER A 587 0.51 19.11 -22.70
N VAL A 588 0.52 19.81 -23.82
CA VAL A 588 -0.31 19.47 -24.98
C VAL A 588 0.11 18.09 -25.52
N SER A 589 -0.68 17.55 -26.46
CA SER A 589 -0.38 16.25 -27.05
C SER A 589 1.02 16.14 -27.65
N HIS A 590 1.61 14.94 -27.56
CA HIS A 590 2.94 14.67 -28.12
C HIS A 590 2.99 13.29 -28.80
N THR A 591 3.81 13.19 -29.85
CA THR A 591 4.00 11.92 -30.55
C THR A 591 5.34 11.42 -30.03
N VAL A 592 5.30 10.26 -29.39
CA VAL A 592 6.49 9.67 -28.77
C VAL A 592 7.07 8.43 -29.42
N ASN A 593 8.40 8.40 -29.52
CA ASN A 593 9.11 7.25 -30.07
C ASN A 593 9.51 6.45 -28.84
N VAL A 594 8.76 5.40 -28.53
CA VAL A 594 9.02 4.57 -27.36
C VAL A 594 10.11 3.53 -27.64
N PRO A 595 11.20 3.55 -26.84
CA PRO A 595 12.31 2.60 -27.01
C PRO A 595 12.00 1.22 -26.45
N VAL A 596 11.05 0.54 -27.09
CA VAL A 596 10.65 -0.79 -26.64
C VAL A 596 11.74 -1.83 -26.80
N TRP A 597 12.81 -1.49 -27.50
CA TRP A 597 13.90 -2.43 -27.67
C TRP A 597 14.57 -2.70 -26.33
N GLN A 598 14.45 -1.74 -25.41
CA GLN A 598 15.02 -1.87 -24.07
C GLN A 598 14.26 -2.97 -23.32
N LEU A 599 13.03 -3.24 -23.76
CA LEU A 599 12.22 -4.27 -23.12
C LEU A 599 12.30 -5.57 -23.90
N SER A 600 13.13 -5.58 -24.94
CA SER A 600 13.33 -6.74 -25.79
C SER A 600 12.10 -7.10 -26.63
N MET A 601 11.28 -6.10 -26.95
CA MET A 601 10.14 -6.34 -27.83
C MET A 601 10.80 -6.48 -29.20
N PRO A 602 10.63 -7.64 -29.86
CA PRO A 602 11.23 -7.86 -31.19
C PRO A 602 10.72 -6.99 -32.33
N ASN A 603 11.63 -6.61 -33.22
CA ASN A 603 11.28 -5.81 -34.37
C ASN A 603 10.30 -6.64 -35.19
N GLY A 604 9.26 -6.01 -35.72
CA GLY A 604 8.29 -6.74 -36.52
C GLY A 604 7.13 -7.26 -35.70
N SER A 605 7.26 -7.28 -34.37
CA SER A 605 6.18 -7.74 -33.51
C SER A 605 5.18 -6.60 -33.35
N THR A 606 3.98 -6.90 -32.87
CA THR A 606 2.99 -5.85 -32.69
C THR A 606 2.64 -5.63 -31.23
N VAL A 607 2.23 -4.40 -30.91
CA VAL A 607 1.83 -4.06 -29.55
C VAL A 607 0.47 -3.40 -29.66
N THR A 608 -0.32 -3.47 -28.59
CA THR A 608 -1.64 -2.88 -28.59
C THR A 608 -1.89 -2.05 -27.34
N ASP A 609 -2.36 -0.81 -27.54
CA ASP A 609 -2.67 0.06 -26.42
C ASP A 609 -3.99 -0.45 -25.83
N LYS A 610 -3.90 -1.10 -24.67
CA LYS A 610 -5.05 -1.68 -23.99
C LYS A 610 -6.14 -0.68 -23.59
N ILE A 611 -5.84 0.60 -23.69
CA ILE A 611 -6.82 1.62 -23.33
C ILE A 611 -7.69 2.00 -24.52
N THR A 612 -7.06 2.24 -25.67
CA THR A 612 -7.78 2.63 -26.88
C THR A 612 -8.07 1.49 -27.85
N GLY A 613 -7.21 0.49 -27.86
CA GLY A 613 -7.38 -0.62 -28.77
C GLY A 613 -6.52 -0.48 -30.01
N HIS A 614 -5.88 0.69 -30.16
CA HIS A 614 -5.01 0.92 -31.31
C HIS A 614 -3.80 -0.01 -31.29
N SER A 615 -3.47 -0.57 -32.44
CA SER A 615 -2.33 -1.48 -32.58
C SER A 615 -1.19 -0.78 -33.29
N TYR A 616 0.04 -1.24 -33.03
CA TYR A 616 1.23 -0.65 -33.63
C TYR A 616 2.22 -1.77 -33.94
N THR A 617 3.21 -1.47 -34.77
CA THR A 617 4.23 -2.44 -35.13
C THR A 617 5.61 -1.94 -34.74
N VAL A 618 6.40 -2.79 -34.09
CA VAL A 618 7.76 -2.42 -33.67
C VAL A 618 8.66 -2.32 -34.89
N GLN A 619 9.24 -1.13 -35.09
CA GLN A 619 10.13 -0.89 -36.22
C GLN A 619 11.41 -0.22 -35.71
N ASN A 620 12.55 -0.84 -36.01
CA ASN A 620 13.84 -0.33 -35.57
C ASN A 620 13.86 -0.11 -34.05
N GLY A 621 13.34 -1.09 -33.33
CA GLY A 621 13.30 -1.03 -31.89
C GLY A 621 12.40 0.04 -31.31
N MET A 622 11.46 0.54 -32.11
CA MET A 622 10.58 1.59 -31.62
C MET A 622 9.10 1.44 -31.96
N VAL A 623 8.30 2.16 -31.20
CA VAL A 623 6.86 2.22 -31.37
C VAL A 623 6.54 3.71 -31.26
N THR A 624 5.83 4.25 -32.25
CA THR A 624 5.50 5.67 -32.25
C THR A 624 4.03 5.85 -31.93
N VAL A 625 3.77 6.47 -30.77
CA VAL A 625 2.40 6.68 -30.32
C VAL A 625 2.14 8.15 -29.96
N ALA A 626 0.87 8.55 -30.09
CA ALA A 626 0.47 9.91 -29.75
C ALA A 626 -0.32 9.86 -28.45
N VAL A 627 0.09 10.66 -27.47
CA VAL A 627 -0.58 10.70 -26.19
C VAL A 627 -0.96 12.16 -25.85
N ASP A 628 -2.24 12.40 -25.58
CA ASP A 628 -2.70 13.75 -25.25
C ASP A 628 -2.33 14.09 -23.81
N GLY A 629 -2.46 15.36 -23.46
CA GLY A 629 -2.12 15.80 -22.12
C GLY A 629 -2.91 15.15 -21.00
N HIS A 630 -2.25 14.91 -19.86
CA HIS A 630 -2.89 14.26 -18.72
C HIS A 630 -3.60 12.95 -19.10
N TYR A 631 -2.88 12.09 -19.83
CA TYR A 631 -3.42 10.80 -20.22
C TYR A 631 -2.26 9.84 -20.46
N GLY A 632 -2.57 8.64 -20.94
CA GLY A 632 -1.52 7.68 -21.17
C GLY A 632 -1.93 6.51 -22.03
N ALA A 633 -0.95 5.77 -22.50
CA ALA A 633 -1.18 4.59 -23.33
C ALA A 633 -0.52 3.41 -22.61
N VAL A 634 -1.08 2.22 -22.76
CA VAL A 634 -0.54 1.02 -22.14
C VAL A 634 -0.23 0.07 -23.29
N LEU A 635 0.97 0.22 -23.87
CA LEU A 635 1.41 -0.59 -25.00
C LEU A 635 1.88 -1.96 -24.55
N ALA A 636 1.09 -2.99 -24.85
CA ALA A 636 1.43 -4.32 -24.41
C ALA A 636 1.44 -5.41 -25.48
N GLN A 637 2.20 -6.46 -25.20
CA GLN A 637 2.28 -7.63 -26.07
C GLN A 637 2.57 -8.84 -25.19
C1 GLC B . -3.28 14.87 9.67
C2 GLC B . -1.94 15.31 10.24
C3 GLC B . -1.10 14.09 10.66
C4 GLC B . -1.91 13.19 11.59
C5 GLC B . -3.24 12.83 10.93
C6 GLC B . -4.14 12.00 11.84
O1 GLC B . -3.07 14.15 8.49
O2 GLC B . -1.23 16.08 9.27
O3 GLC B . 0.08 14.52 11.31
O4 GLC B . -1.15 11.98 11.86
O5 GLC B . -3.98 14.03 10.60
O6 GLC B . -4.73 12.82 12.83
C1 GLC B . -1.00 11.65 13.21
C2 GLC B . 0.47 11.34 13.53
C3 GLC B . 0.92 10.07 12.80
C4 GLC B . -0.03 8.91 13.12
C5 GLC B . -1.50 9.31 12.87
C6 GLC B . -2.44 8.25 13.38
O2 GLC B . 1.29 12.44 13.15
O3 GLC B . 2.23 9.73 13.20
O4 GLC B . 0.28 7.80 12.29
O5 GLC B . -1.81 10.53 13.57
O6 GLC B . -3.64 8.28 12.60
C1 GLC B . -4.53 7.27 12.98
C2 GLC B . -5.77 7.33 12.10
C3 GLC B . -6.52 8.63 12.36
C4 GLC B . -6.89 8.73 13.83
C5 GLC B . -5.64 8.57 14.71
C6 GLC B . -5.99 8.44 16.19
O2 GLC B . -5.37 7.26 10.73
O3 GLC B . -7.69 8.69 11.56
O4 GLC B . -7.50 10.00 14.09
O5 GLC B . -4.91 7.36 14.36
O6 GLC B . -6.63 7.20 16.45
C1 GLC B . -8.75 9.95 14.71
C2 GLC B . -9.80 10.59 13.79
C3 GLC B . -9.56 12.10 13.68
C4 GLC B . -9.47 12.75 15.07
C5 GLC B . -8.44 12.01 15.93
C6 GLC B . -8.37 12.50 17.36
O2 GLC B . -9.74 9.99 12.50
O3 GLC B . -10.61 12.70 12.93
O4 GLC B . -9.09 14.14 14.94
O5 GLC B . -8.75 10.61 15.98
O6 GLC B . -9.59 12.28 18.05
C1 GLC B . -10.13 15.09 14.85
C2 GLC B . -9.62 16.34 14.14
C3 GLC B . -8.59 17.05 15.03
C4 GLC B . -9.20 17.37 16.39
C5 GLC B . -9.80 16.12 17.04
C6 GLC B . -10.63 16.55 18.25
O2 GLC B . -9.04 16.00 12.90
O3 GLC B . -8.17 18.26 14.40
O4 GLC B . -8.20 17.91 17.24
O5 GLC B . -10.70 15.42 16.12
O6 GLC B . -11.48 15.47 18.71
C1 GLC B . -12.38 15.84 19.73
C2 GLC B . -13.46 16.84 19.23
C3 GLC B . -12.99 18.30 19.30
C4 GLC B . -12.36 18.61 20.66
C5 GLC B . -11.24 17.62 20.93
C6 GLC B . -10.58 17.86 22.28
O2 GLC B . -13.81 16.52 17.88
O3 GLC B . -14.09 19.17 19.08
O4 GLC B . -11.84 19.93 20.65
O5 GLC B . -11.76 16.27 20.94
O6 GLC B . -10.34 16.63 22.97
CA CA C . 32.69 -2.89 -23.30
CA CA D . -27.87 2.61 8.90
CA CA E . -17.76 1.41 36.73
C1 MPD F . -14.01 15.54 -17.55
C2 MPD F . -14.45 15.73 -18.99
O2 MPD F . -13.25 15.62 -19.77
CM MPD F . -15.43 14.67 -19.40
C3 MPD F . -15.01 17.17 -19.26
C4 MPD F . -16.51 17.40 -19.51
O4 MPD F . -17.27 17.02 -18.40
C5 MPD F . -16.80 18.85 -19.76
#